data_6LC8
#
_entry.id   6LC8
#
_cell.length_a   50.418
_cell.length_b   73.672
_cell.length_c   102.180
_cell.angle_alpha   90.000
_cell.angle_beta   94.490
_cell.angle_gamma   90.000
#
_symmetry.space_group_name_H-M   'P 1 21 1'
#
loop_
_entity.id
_entity.type
_entity.pdbx_description
1 polymer Beta-lactamase
2 non-polymer (2S,5R)-1-formyl-5-[(sulfooxy)amino]piperidine-2-carboxamide
3 non-polymer 'SULFATE ION'
4 non-polymer '1,4-DIETHYLENE DIOXIDE'
5 water water
#
_entity_poly.entity_id   1
_entity_poly.type   'polypeptide(L)'
_entity_poly.pdbx_seq_one_letter_code
;MAPMSEKQLADVVERTVTPLMKAQAIPGMAVAVIYQGQPHYFTFGKADVAANKPVTPQTLFELGSVSKTFTGVLGGDAIA
RKEISLADPVTKYWPELTGKQWQGIRLLDLATYTAGGLPLQVPDNVTDNASLLRFYQSWQPKWAPGTTRLYANTSIGLFG
SLAVKPSGMRFEQAMAERVFKPLKLNHTWINVPHAEESHYAWGYREGKAVHVSPGMLDAEAYGVKSNVKDMASWVMANMA
PETLPPSTLQQGIALAQSRYWRVGAMYQGLGWEMLNWPVDVKTVVDGSDNKVALVPVAEVNPPAPPVKASWVHKTGSTGG
FGSYVAFIPEKQIGIVMLANKSYPNPVRVETAYRILETLQ
;
_entity_poly.pdbx_strand_id   A,B
#
loop_
_chem_comp.id
_chem_comp.type
_chem_comp.name
_chem_comp.formula
DIO non-polymer '1,4-DIETHYLENE DIOXIDE' 'C4 H8 O2'
NXL non-polymer (2S,5R)-1-formyl-5-[(sulfooxy)amino]piperidine-2-carboxamide 'C7 H13 N3 O6 S'
SO4 non-polymer 'SULFATE ION' 'O4 S -2'
#
# COMPACT_ATOMS: atom_id res chain seq x y z
N PRO A 3 15.19 -28.42 -1.89
CA PRO A 3 14.54 -27.61 -2.91
C PRO A 3 13.09 -28.03 -3.15
N MET A 4 12.31 -27.12 -3.71
CA MET A 4 10.88 -27.32 -3.90
C MET A 4 10.63 -28.09 -5.19
N SER A 5 9.76 -29.10 -5.12
CA SER A 5 9.39 -29.83 -6.32
C SER A 5 8.47 -28.99 -7.20
N GLU A 6 8.38 -29.39 -8.48
CA GLU A 6 7.51 -28.67 -9.40
C GLU A 6 6.07 -28.66 -8.91
N LYS A 7 5.59 -29.79 -8.38
CA LYS A 7 4.23 -29.84 -7.84
C LYS A 7 4.09 -28.92 -6.63
N GLN A 8 5.09 -28.92 -5.74
CA GLN A 8 5.04 -28.05 -4.57
C GLN A 8 5.06 -26.57 -4.97
N LEU A 9 5.90 -26.21 -5.93
CA LEU A 9 5.94 -24.83 -6.40
C LEU A 9 4.63 -24.44 -7.05
N ALA A 10 4.07 -25.32 -7.88
CA ALA A 10 2.78 -25.02 -8.50
C ALA A 10 1.71 -24.80 -7.45
N ASP A 11 1.77 -25.57 -6.35
CA ASP A 11 0.81 -25.38 -5.27
C ASP A 11 0.98 -24.01 -4.61
N VAL A 12 2.22 -23.60 -4.36
CA VAL A 12 2.48 -22.27 -3.80
C VAL A 12 1.88 -21.19 -4.70
N VAL A 13 2.14 -21.27 -6.00
CA VAL A 13 1.69 -20.22 -6.90
C VAL A 13 0.16 -20.22 -6.99
N GLU A 14 -0.45 -21.41 -7.12
CA GLU A 14 -1.90 -21.47 -7.26
C GLU A 14 -2.60 -20.96 -6.00
N ARG A 15 -2.09 -21.34 -4.83
CA ARG A 15 -2.74 -20.97 -3.58
C ARG A 15 -2.72 -19.46 -3.35
N THR A 16 -1.73 -18.77 -3.91
CA THR A 16 -1.66 -17.32 -3.78
C THR A 16 -2.42 -16.60 -4.88
N VAL A 17 -2.23 -17.04 -6.13
CA VAL A 17 -2.78 -16.35 -7.29
C VAL A 17 -4.30 -16.49 -7.36
N THR A 18 -4.84 -17.64 -6.99
CA THR A 18 -6.28 -17.85 -7.15
C THR A 18 -7.11 -16.88 -6.32
N PRO A 19 -6.92 -16.75 -5.00
CA PRO A 19 -7.72 -15.75 -4.27
C PRO A 19 -7.37 -14.33 -4.60
N LEU A 20 -6.12 -14.07 -5.04
CA LEU A 20 -5.77 -12.73 -5.51
C LEU A 20 -6.61 -12.34 -6.72
N MET A 21 -6.67 -13.23 -7.72
CA MET A 21 -7.44 -12.92 -8.93
C MET A 21 -8.91 -12.74 -8.62
N LYS A 22 -9.45 -13.55 -7.71
CA LYS A 22 -10.86 -13.42 -7.38
C LYS A 22 -11.14 -12.08 -6.68
N ALA A 23 -10.28 -11.72 -5.73
CA ALA A 23 -10.51 -10.51 -4.94
C ALA A 23 -10.31 -9.24 -5.76
N GLN A 24 -9.38 -9.27 -6.72
CA GLN A 24 -9.06 -8.12 -7.55
C GLN A 24 -9.87 -8.08 -8.84
N ALA A 25 -10.63 -9.13 -9.14
CA ALA A 25 -11.33 -9.27 -10.42
C ALA A 25 -10.34 -9.20 -11.60
N ILE A 26 -9.21 -9.88 -11.46
CA ILE A 26 -8.24 -10.00 -12.54
C ILE A 26 -8.67 -11.16 -13.42
N PRO A 27 -9.00 -10.94 -14.70
CA PRO A 27 -9.47 -12.08 -15.53
C PRO A 27 -8.39 -13.13 -15.80
N GLY A 28 -7.15 -12.72 -16.02
CA GLY A 28 -6.13 -13.67 -16.41
C GLY A 28 -4.74 -13.25 -15.95
N MET A 29 -3.90 -14.24 -15.66
CA MET A 29 -2.54 -13.98 -15.22
C MET A 29 -1.61 -15.06 -15.77
N ALA A 30 -0.39 -14.66 -16.13
CA ALA A 30 0.69 -15.59 -16.44
C ALA A 30 1.83 -15.30 -15.48
N VAL A 31 2.39 -16.36 -14.89
CA VAL A 31 3.45 -16.22 -13.90
C VAL A 31 4.62 -17.10 -14.34
N ALA A 32 5.84 -16.55 -14.26
CA ALA A 32 7.04 -17.37 -14.40
C ALA A 32 7.87 -17.25 -13.14
N VAL A 33 8.33 -18.38 -12.62
CA VAL A 33 9.30 -18.40 -11.52
C VAL A 33 10.60 -18.94 -12.07
N ILE A 34 11.69 -18.24 -11.80
CA ILE A 34 13.03 -18.66 -12.19
C ILE A 34 13.66 -19.27 -10.97
N TYR A 35 14.08 -20.53 -11.08
CA TYR A 35 14.48 -21.32 -9.92
C TYR A 35 15.34 -22.47 -10.41
N GLN A 36 16.52 -22.63 -9.81
CA GLN A 36 17.47 -23.67 -10.17
C GLN A 36 17.89 -23.57 -11.63
N GLY A 37 17.96 -22.35 -12.16
CA GLY A 37 18.35 -22.12 -13.53
C GLY A 37 17.26 -22.35 -14.55
N GLN A 38 16.03 -22.65 -14.12
CA GLN A 38 14.96 -23.03 -15.03
C GLN A 38 13.76 -22.09 -14.90
N PRO A 39 13.06 -21.84 -15.98
CA PRO A 39 11.75 -21.17 -15.88
C PRO A 39 10.65 -22.18 -15.59
N HIS A 40 9.66 -21.72 -14.81
CA HIS A 40 8.49 -22.51 -14.44
C HIS A 40 7.26 -21.65 -14.72
N TYR A 41 6.38 -22.13 -15.60
CA TYR A 41 5.26 -21.32 -16.07
C TYR A 41 3.96 -21.77 -15.43
N PHE A 42 3.12 -20.79 -15.08
CA PHE A 42 1.80 -21.04 -14.50
C PHE A 42 0.83 -20.05 -15.12
N THR A 43 -0.29 -20.53 -15.64
CA THR A 43 -1.24 -19.66 -16.30
C THR A 43 -2.62 -19.86 -15.71
N PHE A 44 -3.38 -18.76 -15.63
CA PHE A 44 -4.66 -18.73 -14.95
C PHE A 44 -5.65 -17.87 -15.72
N GLY A 45 -6.89 -18.35 -15.84
CA GLY A 45 -7.96 -17.47 -16.28
C GLY A 45 -7.96 -17.18 -17.76
N LYS A 46 -8.53 -16.04 -18.11
N LYS A 46 -8.53 -16.04 -18.11
CA LYS A 46 -8.88 -15.72 -19.49
CA LYS A 46 -8.89 -15.69 -19.48
C LYS A 46 -8.05 -14.55 -20.01
C LYS A 46 -8.04 -14.56 -20.01
N ALA A 47 -7.52 -14.72 -21.22
CA ALA A 47 -6.89 -13.62 -21.94
C ALA A 47 -7.93 -12.72 -22.59
N ASP A 48 -9.05 -13.29 -23.00
CA ASP A 48 -10.13 -12.57 -23.65
C ASP A 48 -11.42 -13.11 -23.05
N VAL A 49 -12.05 -12.30 -22.20
CA VAL A 49 -13.24 -12.76 -21.48
C VAL A 49 -14.39 -13.00 -22.46
N ALA A 50 -14.67 -12.02 -23.34
CA ALA A 50 -15.82 -12.15 -24.23
C ALA A 50 -15.66 -13.30 -25.21
N ALA A 51 -14.43 -13.61 -25.63
CA ALA A 51 -14.17 -14.69 -26.56
C ALA A 51 -13.89 -16.01 -25.87
N ASN A 52 -13.89 -16.02 -24.53
CA ASN A 52 -13.63 -17.24 -23.75
C ASN A 52 -12.27 -17.86 -24.10
N LYS A 53 -11.25 -17.02 -24.23
CA LYS A 53 -9.93 -17.50 -24.60
C LYS A 53 -9.04 -17.57 -23.38
N PRO A 54 -8.46 -18.72 -23.06
CA PRO A 54 -7.61 -18.83 -21.86
C PRO A 54 -6.24 -18.18 -22.04
N VAL A 55 -5.67 -17.76 -20.91
CA VAL A 55 -4.26 -17.40 -20.86
C VAL A 55 -3.41 -18.65 -21.09
N THR A 56 -2.42 -18.53 -21.95
CA THR A 56 -1.42 -19.56 -22.21
C THR A 56 -0.05 -18.94 -22.08
N PRO A 57 1.02 -19.74 -22.12
CA PRO A 57 2.37 -19.15 -22.12
C PRO A 57 2.69 -18.32 -23.37
N GLN A 58 1.83 -18.37 -24.39
N GLN A 58 1.84 -18.38 -24.40
CA GLN A 58 1.97 -17.58 -25.60
CA GLN A 58 2.02 -17.55 -25.59
C GLN A 58 1.15 -16.30 -25.57
C GLN A 58 1.21 -16.26 -25.54
N THR A 59 0.35 -16.09 -24.53
CA THR A 59 -0.48 -14.89 -24.45
C THR A 59 0.39 -13.64 -24.28
N LEU A 60 0.15 -12.64 -25.12
CA LEU A 60 0.85 -11.37 -25.04
C LEU A 60 0.12 -10.44 -24.07
N PHE A 61 0.88 -9.84 -23.14
CA PHE A 61 0.39 -8.83 -22.21
C PHE A 61 1.09 -7.50 -22.45
N GLU A 62 0.41 -6.40 -22.13
CA GLU A 62 1.08 -5.10 -22.14
C GLU A 62 1.94 -4.96 -20.89
N LEU A 63 3.22 -4.69 -21.09
CA LEU A 63 4.14 -4.55 -19.95
C LEU A 63 4.07 -3.17 -19.30
N GLY A 64 3.50 -2.19 -19.97
CA GLY A 64 3.56 -0.83 -19.42
C GLY A 64 4.98 -0.43 -19.09
N SER A 65 5.14 0.18 -17.91
CA SER A 65 6.44 0.75 -17.52
C SER A 65 7.55 -0.27 -17.34
N VAL A 66 7.24 -1.58 -17.30
CA VAL A 66 8.32 -2.56 -17.34
C VAL A 66 9.11 -2.42 -18.65
N SER A 67 8.50 -1.80 -19.68
CA SER A 67 9.22 -1.45 -20.91
C SER A 67 10.48 -0.66 -20.63
N LYS A 68 10.49 0.15 -19.56
N LYS A 68 10.50 0.13 -19.56
CA LYS A 68 11.66 0.97 -19.26
CA LYS A 68 11.66 0.97 -19.27
C LYS A 68 12.91 0.15 -18.98
C LYS A 68 12.91 0.16 -18.93
N THR A 69 12.76 -1.12 -18.57
CA THR A 69 13.96 -1.94 -18.37
C THR A 69 14.64 -2.26 -19.70
N PHE A 70 13.84 -2.49 -20.74
CA PHE A 70 14.40 -2.64 -22.08
C PHE A 70 15.06 -1.34 -22.54
N THR A 71 14.41 -0.22 -22.28
CA THR A 71 14.98 1.08 -22.66
C THR A 71 16.31 1.31 -21.97
N GLY A 72 16.36 1.01 -20.66
CA GLY A 72 17.59 1.20 -19.92
C GLY A 72 18.74 0.35 -20.43
N VAL A 73 18.46 -0.91 -20.75
CA VAL A 73 19.48 -1.79 -21.29
C VAL A 73 19.91 -1.36 -22.68
N LEU A 74 18.95 -0.90 -23.52
CA LEU A 74 19.33 -0.41 -24.83
C LEU A 74 20.18 0.85 -24.72
N GLY A 75 19.86 1.72 -23.76
CA GLY A 75 20.73 2.86 -23.50
C GLY A 75 22.10 2.42 -23.04
N GLY A 76 22.16 1.43 -22.14
CA GLY A 76 23.45 0.94 -21.70
C GLY A 76 24.25 0.34 -22.85
N ASP A 77 23.57 -0.35 -23.76
CA ASP A 77 24.24 -0.91 -24.93
C ASP A 77 24.83 0.21 -25.80
N ALA A 78 24.13 1.33 -25.90
CA ALA A 78 24.63 2.45 -26.69
C ALA A 78 25.86 3.08 -26.04
N ILE A 79 25.90 3.15 -24.70
CA ILE A 79 27.08 3.62 -23.98
C ILE A 79 28.26 2.69 -24.25
N ALA A 80 28.02 1.37 -24.16
CA ALA A 80 29.09 0.43 -24.41
C ALA A 80 29.59 0.48 -25.86
N ARG A 81 28.71 0.80 -26.80
CA ARG A 81 29.13 1.03 -28.18
C ARG A 81 29.85 2.37 -28.38
N LYS A 82 29.99 3.16 -27.31
CA LYS A 82 30.62 4.48 -27.38
C LYS A 82 29.87 5.45 -28.29
N GLU A 83 28.57 5.22 -28.45
CA GLU A 83 27.72 6.13 -29.21
C GLU A 83 27.21 7.30 -28.39
N ILE A 84 27.03 7.11 -27.08
CA ILE A 84 26.55 8.16 -26.19
C ILE A 84 27.32 8.06 -24.87
N SER A 85 27.28 9.16 -24.12
CA SER A 85 27.72 9.16 -22.74
C SER A 85 26.64 9.79 -21.88
N LEU A 86 26.43 9.22 -20.70
CA LEU A 86 25.43 9.79 -19.79
C LEU A 86 25.83 11.18 -19.32
N ALA A 87 27.12 11.51 -19.33
CA ALA A 87 27.56 12.84 -18.95
C ALA A 87 27.32 13.89 -20.02
N ASP A 88 26.93 13.49 -21.23
CA ASP A 88 26.79 14.42 -22.34
C ASP A 88 25.58 15.33 -22.13
N PRO A 89 25.65 16.59 -22.55
CA PRO A 89 24.46 17.46 -22.47
C PRO A 89 23.36 16.98 -23.40
N VAL A 90 22.11 17.15 -22.95
CA VAL A 90 20.96 16.84 -23.80
C VAL A 90 21.09 17.55 -25.14
N THR A 91 21.58 18.80 -25.12
CA THR A 91 21.67 19.59 -26.35
C THR A 91 22.66 19.00 -27.36
N LYS A 92 23.55 18.11 -26.94
CA LYS A 92 24.43 17.45 -27.91
C LYS A 92 23.62 16.63 -28.90
N TYR A 93 22.51 16.06 -28.44
CA TYR A 93 21.70 15.18 -29.25
C TYR A 93 20.41 15.83 -29.74
N TRP A 94 20.01 16.96 -29.16
CA TRP A 94 18.87 17.74 -29.63
C TRP A 94 19.23 19.22 -29.57
N PRO A 95 20.08 19.68 -30.49
CA PRO A 95 20.54 21.08 -30.43
C PRO A 95 19.43 22.10 -30.57
N GLU A 96 18.30 21.73 -31.17
CA GLU A 96 17.17 22.64 -31.28
C GLU A 96 16.57 22.99 -29.93
N LEU A 97 16.97 22.29 -28.86
CA LEU A 97 16.51 22.57 -27.50
C LEU A 97 17.41 23.64 -26.89
N THR A 98 17.12 24.90 -27.25
CA THR A 98 18.05 26.01 -27.01
C THR A 98 17.79 26.79 -25.74
N GLY A 99 16.71 26.50 -25.00
CA GLY A 99 16.37 27.31 -23.85
C GLY A 99 17.40 27.19 -22.73
N LYS A 100 17.50 28.27 -21.94
CA LYS A 100 18.51 28.33 -20.88
C LYS A 100 18.29 27.24 -19.84
N GLN A 101 17.04 26.84 -19.61
CA GLN A 101 16.77 25.80 -18.62
C GLN A 101 17.36 24.44 -19.03
N TRP A 102 17.76 24.26 -20.29
CA TRP A 102 18.28 22.99 -20.74
C TRP A 102 19.80 22.92 -20.70
N GLN A 103 20.48 24.04 -20.46
CA GLN A 103 21.93 24.09 -20.65
C GLN A 103 22.66 23.09 -19.77
N GLY A 104 22.26 22.96 -18.50
CA GLY A 104 22.94 22.08 -17.57
C GLY A 104 22.39 20.67 -17.43
N ILE A 105 21.46 20.26 -18.29
CA ILE A 105 20.80 18.97 -18.16
C ILE A 105 21.51 17.94 -19.03
N ARG A 106 21.79 16.76 -18.46
CA ARG A 106 22.55 15.72 -19.12
C ARG A 106 21.66 14.53 -19.47
N LEU A 107 22.18 13.68 -20.37
CA LEU A 107 21.46 12.44 -20.67
C LEU A 107 21.18 11.65 -19.40
N LEU A 108 22.13 11.64 -18.45
CA LEU A 108 21.92 10.96 -17.17
C LEU A 108 20.63 11.42 -16.51
N ASP A 109 20.39 12.73 -16.51
CA ASP A 109 19.21 13.27 -15.86
C ASP A 109 17.93 12.79 -16.51
N LEU A 110 17.90 12.74 -17.85
CA LEU A 110 16.74 12.18 -18.54
C LEU A 110 16.55 10.71 -18.16
N ALA A 111 17.64 9.93 -18.19
CA ALA A 111 17.54 8.48 -17.98
C ALA A 111 17.02 8.12 -16.60
N THR A 112 17.30 8.94 -15.60
CA THR A 112 17.08 8.57 -14.20
C THR A 112 16.15 9.55 -13.47
N TYR A 113 15.40 10.39 -14.22
CA TYR A 113 14.31 11.22 -13.70
C TYR A 113 14.80 12.38 -12.84
N THR A 114 16.03 12.88 -13.07
CA THR A 114 16.61 13.93 -12.23
C THR A 114 16.77 15.26 -12.97
N ALA A 115 16.01 15.49 -14.03
CA ALA A 115 16.15 16.75 -14.78
C ALA A 115 15.59 17.95 -14.03
N GLY A 116 14.77 17.73 -12.99
CA GLY A 116 14.28 18.82 -12.17
C GLY A 116 12.79 19.03 -12.30
N GLY A 117 12.06 17.98 -12.62
CA GLY A 117 10.61 18.06 -12.64
C GLY A 117 9.92 17.86 -13.97
N LEU A 118 10.51 17.12 -14.91
CA LEU A 118 9.77 16.81 -16.13
C LEU A 118 8.52 16.02 -15.78
N PRO A 119 7.37 16.31 -16.41
CA PRO A 119 6.11 15.74 -15.95
C PRO A 119 5.91 14.28 -16.37
N LEU A 120 4.91 13.66 -15.73
CA LEU A 120 4.70 12.22 -15.86
C LEU A 120 4.41 11.82 -17.31
N GLN A 121 3.52 12.54 -18.00
CA GLN A 121 3.09 12.11 -19.31
C GLN A 121 3.34 13.17 -20.37
N VAL A 122 3.64 12.68 -21.58
CA VAL A 122 3.49 13.53 -22.76
C VAL A 122 2.00 13.83 -22.95
N PRO A 123 1.61 15.10 -23.10
CA PRO A 123 0.18 15.39 -23.32
C PRO A 123 -0.34 14.67 -24.56
N ASP A 124 -1.59 14.21 -24.48
CA ASP A 124 -2.16 13.44 -25.58
C ASP A 124 -2.26 14.25 -26.86
N ASN A 125 -2.37 15.57 -26.75
CA ASN A 125 -2.48 16.42 -27.94
C ASN A 125 -1.14 16.74 -28.58
N VAL A 126 -0.04 16.20 -28.06
CA VAL A 126 1.28 16.32 -28.68
C VAL A 126 1.45 15.10 -29.56
N THR A 127 1.34 15.30 -30.88
CA THR A 127 1.29 14.17 -31.81
C THR A 127 2.30 14.25 -32.94
N ASP A 128 3.14 15.27 -32.99
CA ASP A 128 4.16 15.36 -34.03
C ASP A 128 5.42 15.99 -33.45
N ASN A 129 6.48 16.03 -34.26
CA ASN A 129 7.78 16.45 -33.75
C ASN A 129 7.78 17.93 -33.40
N ALA A 130 7.13 18.76 -34.22
CA ALA A 130 7.05 20.19 -33.93
C ALA A 130 6.40 20.43 -32.57
N SER A 131 5.32 19.70 -32.28
N SER A 131 5.32 19.70 -32.28
CA SER A 131 4.63 19.88 -31.01
CA SER A 131 4.64 19.89 -31.01
C SER A 131 5.44 19.35 -29.84
C SER A 131 5.47 19.36 -29.85
N LEU A 132 6.17 18.24 -30.05
CA LEU A 132 7.04 17.71 -29.02
C LEU A 132 8.16 18.71 -28.69
N LEU A 133 8.71 19.35 -29.71
CA LEU A 133 9.73 20.37 -29.47
C LEU A 133 9.17 21.51 -28.63
N ARG A 134 7.99 22.02 -29.01
CA ARG A 134 7.38 23.10 -28.21
C ARG A 134 7.14 22.65 -26.77
N PHE A 135 6.80 21.37 -26.57
CA PHE A 135 6.54 20.88 -25.22
C PHE A 135 7.79 20.99 -24.35
N TYR A 136 8.93 20.48 -24.84
CA TYR A 136 10.15 20.53 -24.02
C TYR A 136 10.73 21.93 -23.95
N GLN A 137 10.57 22.74 -25.00
N GLN A 137 10.58 22.73 -25.02
CA GLN A 137 11.06 24.12 -24.94
CA GLN A 137 11.01 24.12 -24.98
C GLN A 137 10.24 24.99 -23.98
C GLN A 137 10.29 24.90 -23.89
N SER A 138 9.00 24.61 -23.69
CA SER A 138 8.16 25.39 -22.78
C SER A 138 8.35 25.00 -21.32
N TRP A 139 8.99 23.87 -21.05
CA TRP A 139 9.01 23.31 -19.71
C TRP A 139 9.88 24.14 -18.79
N GLN A 140 9.37 24.44 -17.59
CA GLN A 140 10.09 25.18 -16.58
C GLN A 140 10.46 24.26 -15.42
N PRO A 141 11.74 24.01 -15.15
CA PRO A 141 12.12 23.13 -14.04
C PRO A 141 11.81 23.75 -12.69
N LYS A 142 11.50 22.89 -11.71
CA LYS A 142 11.30 23.35 -10.35
C LYS A 142 12.57 23.32 -9.51
N TRP A 143 13.54 22.48 -9.88
CA TRP A 143 14.77 22.32 -9.10
C TRP A 143 15.94 22.10 -10.06
N ALA A 144 17.13 22.40 -9.54
CA ALA A 144 18.36 22.21 -10.28
C ALA A 144 18.53 20.75 -10.68
N PRO A 145 19.18 20.48 -11.83
CA PRO A 145 19.29 19.09 -12.28
C PRO A 145 20.22 18.28 -11.39
N GLY A 146 19.92 16.99 -11.30
CA GLY A 146 20.76 16.07 -10.54
C GLY A 146 20.55 16.16 -9.04
N THR A 147 19.43 16.70 -8.60
CA THR A 147 19.18 16.90 -7.18
C THR A 147 17.85 16.37 -6.70
N THR A 148 16.94 15.98 -7.61
CA THR A 148 15.60 15.56 -7.24
C THR A 148 15.19 14.44 -8.18
N ARG A 149 14.23 13.63 -7.74
CA ARG A 149 13.65 12.59 -8.58
C ARG A 149 12.16 12.83 -8.75
N LEU A 150 11.69 12.77 -9.99
CA LEU A 150 10.26 12.72 -10.28
C LEU A 150 10.09 11.73 -11.42
N TYR A 151 9.53 10.56 -11.09
CA TYR A 151 9.31 9.52 -12.09
C TYR A 151 8.48 10.08 -13.24
N ALA A 152 8.96 9.88 -14.48
CA ALA A 152 8.35 10.60 -15.59
C ALA A 152 8.60 9.90 -16.91
N ASN A 153 7.52 9.60 -17.64
CA ASN A 153 7.69 9.07 -18.99
C ASN A 153 8.33 10.08 -19.93
N THR A 154 8.11 11.38 -19.71
CA THR A 154 8.72 12.39 -20.57
C THR A 154 10.22 12.46 -20.39
N SER A 155 10.73 11.90 -19.29
CA SER A 155 12.16 11.96 -18.99
C SER A 155 12.87 10.79 -19.65
N ILE A 156 12.58 9.57 -19.17
CA ILE A 156 13.26 8.41 -19.75
C ILE A 156 12.78 8.16 -21.18
N GLY A 157 11.56 8.60 -21.53
CA GLY A 157 11.12 8.47 -22.92
C GLY A 157 12.00 9.27 -23.86
N LEU A 158 12.30 10.53 -23.51
CA LEU A 158 13.21 11.33 -24.30
C LEU A 158 14.62 10.75 -24.27
N PHE A 159 15.05 10.23 -23.12
CA PHE A 159 16.35 9.54 -23.08
C PHE A 159 16.42 8.44 -24.12
N GLY A 160 15.40 7.58 -24.17
CA GLY A 160 15.41 6.49 -25.15
C GLY A 160 15.50 7.00 -26.57
N SER A 161 14.76 8.07 -26.88
CA SER A 161 14.75 8.61 -28.23
C SER A 161 16.11 9.20 -28.61
N LEU A 162 16.74 9.94 -27.68
CA LEU A 162 18.04 10.52 -27.97
C LEU A 162 19.15 9.47 -27.95
N ALA A 163 19.01 8.43 -27.13
CA ALA A 163 20.06 7.43 -27.01
C ALA A 163 20.32 6.69 -28.31
N VAL A 164 19.30 6.52 -29.15
CA VAL A 164 19.47 5.81 -30.41
C VAL A 164 19.81 6.75 -31.57
N LYS A 165 19.80 8.06 -31.35
CA LYS A 165 20.11 9.00 -32.42
C LYS A 165 21.45 8.73 -33.11
N PRO A 166 22.56 8.51 -32.39
CA PRO A 166 23.84 8.27 -33.09
C PRO A 166 23.85 7.01 -33.94
N SER A 167 22.89 6.11 -33.76
CA SER A 167 22.79 4.89 -34.56
C SER A 167 22.04 5.09 -35.87
N GLY A 168 21.34 6.23 -36.02
CA GLY A 168 20.49 6.45 -37.17
C GLY A 168 19.20 5.64 -37.19
N MET A 169 19.03 4.71 -36.26
CA MET A 169 17.86 3.85 -36.27
C MET A 169 16.72 4.45 -35.47
N ARG A 170 15.50 4.17 -35.91
N ARG A 170 15.50 4.17 -35.92
CA ARG A 170 14.35 4.44 -35.05
CA ARG A 170 14.34 4.39 -35.07
C ARG A 170 14.43 3.55 -33.81
C ARG A 170 14.48 3.56 -33.78
N PHE A 171 13.86 4.06 -32.71
CA PHE A 171 13.95 3.35 -31.44
C PHE A 171 13.50 1.90 -31.57
N GLU A 172 12.38 1.67 -32.27
CA GLU A 172 11.87 0.30 -32.40
C GLU A 172 12.86 -0.59 -33.16
N GLN A 173 13.48 -0.06 -34.21
CA GLN A 173 14.49 -0.80 -34.97
C GLN A 173 15.67 -1.17 -34.10
N ALA A 174 16.22 -0.18 -33.38
CA ALA A 174 17.37 -0.42 -32.53
C ALA A 174 17.05 -1.45 -31.46
N MET A 175 15.87 -1.36 -30.84
CA MET A 175 15.52 -2.32 -29.80
C MET A 175 15.45 -3.74 -30.36
N ALA A 176 14.80 -3.91 -31.51
CA ALA A 176 14.71 -5.24 -32.09
C ALA A 176 16.08 -5.80 -32.45
N GLU A 177 16.95 -4.97 -33.02
N GLU A 177 16.95 -4.97 -33.03
CA GLU A 177 18.23 -5.44 -33.55
CA GLU A 177 18.22 -5.48 -33.54
C GLU A 177 19.27 -5.66 -32.46
C GLU A 177 19.24 -5.71 -32.42
N ARG A 178 19.25 -4.84 -31.41
CA ARG A 178 20.31 -4.84 -30.40
C ARG A 178 19.94 -5.51 -29.09
N VAL A 179 18.64 -5.76 -28.85
CA VAL A 179 18.22 -6.35 -27.58
C VAL A 179 17.36 -7.58 -27.83
N PHE A 180 16.23 -7.41 -28.54
CA PHE A 180 15.30 -8.53 -28.73
C PHE A 180 15.97 -9.69 -29.47
N LYS A 181 16.51 -9.42 -30.66
CA LYS A 181 17.04 -10.50 -31.48
C LYS A 181 18.23 -11.21 -30.82
N PRO A 182 19.24 -10.53 -30.28
CA PRO A 182 20.35 -11.27 -29.64
C PRO A 182 19.92 -12.16 -28.49
N LEU A 183 18.86 -11.79 -27.77
CA LEU A 183 18.36 -12.58 -26.65
C LEU A 183 17.25 -13.55 -27.06
N LYS A 184 16.95 -13.65 -28.36
CA LYS A 184 15.96 -14.59 -28.89
C LYS A 184 14.58 -14.33 -28.30
N LEU A 185 14.28 -13.05 -28.06
CA LEU A 185 12.96 -12.62 -27.63
C LEU A 185 12.13 -12.39 -28.90
N ASN A 186 11.70 -13.50 -29.50
CA ASN A 186 11.06 -13.49 -30.81
C ASN A 186 9.55 -13.30 -30.72
N HIS A 187 9.01 -13.12 -29.52
CA HIS A 187 7.58 -12.88 -29.33
C HIS A 187 7.39 -11.70 -28.40
N THR A 188 8.25 -10.70 -28.56
CA THR A 188 8.24 -9.47 -27.79
C THR A 188 8.17 -8.32 -28.77
N TRP A 189 7.21 -7.42 -28.58
CA TRP A 189 6.81 -6.54 -29.67
C TRP A 189 6.59 -5.13 -29.16
N ILE A 190 7.05 -4.15 -29.93
CA ILE A 190 6.61 -2.78 -29.70
C ILE A 190 5.30 -2.50 -30.43
N ASN A 191 5.17 -3.03 -31.64
CA ASN A 191 3.91 -3.07 -32.38
C ASN A 191 3.60 -4.52 -32.66
N VAL A 192 2.45 -5.00 -32.18
CA VAL A 192 2.04 -6.39 -32.36
C VAL A 192 1.71 -6.61 -33.83
N PRO A 193 2.41 -7.51 -34.53
CA PRO A 193 2.10 -7.77 -35.93
C PRO A 193 0.70 -8.35 -36.09
N HIS A 194 0.10 -8.10 -37.25
N HIS A 194 0.11 -8.08 -37.26
CA HIS A 194 -1.22 -8.65 -37.52
CA HIS A 194 -1.19 -8.64 -37.61
C HIS A 194 -1.24 -10.17 -37.34
C HIS A 194 -1.23 -10.14 -37.36
N ALA A 195 -0.17 -10.85 -37.76
CA ALA A 195 -0.10 -12.29 -37.63
C ALA A 195 -0.02 -12.77 -36.17
N GLU A 196 0.26 -11.87 -35.22
CA GLU A 196 0.35 -12.25 -33.81
C GLU A 196 -0.83 -11.77 -32.98
N GLU A 197 -1.83 -11.14 -33.61
CA GLU A 197 -2.92 -10.53 -32.85
C GLU A 197 -3.75 -11.56 -32.08
N SER A 198 -3.87 -12.78 -32.60
CA SER A 198 -4.64 -13.80 -31.90
C SER A 198 -4.07 -14.08 -30.50
N HIS A 199 -2.81 -13.77 -30.26
CA HIS A 199 -2.18 -13.97 -28.96
C HIS A 199 -2.34 -12.78 -28.02
N TYR A 200 -2.82 -11.64 -28.51
CA TYR A 200 -2.80 -10.40 -27.74
C TYR A 200 -3.99 -10.38 -26.78
N ALA A 201 -3.72 -10.48 -25.48
CA ALA A 201 -4.79 -10.41 -24.50
C ALA A 201 -5.45 -9.04 -24.54
N TRP A 202 -6.72 -8.99 -24.15
CA TRP A 202 -7.37 -7.73 -23.85
C TRP A 202 -7.08 -7.36 -22.41
N GLY A 203 -6.91 -6.07 -22.14
CA GLY A 203 -6.87 -5.60 -20.78
C GLY A 203 -8.24 -5.14 -20.36
N TYR A 204 -8.45 -5.01 -19.06
CA TYR A 204 -9.80 -4.71 -18.57
C TYR A 204 -9.75 -3.59 -17.54
N ARG A 205 -10.53 -2.55 -17.80
CA ARG A 205 -10.65 -1.41 -16.90
C ARG A 205 -12.14 -1.15 -16.69
N GLU A 206 -12.59 -1.29 -15.45
CA GLU A 206 -14.00 -1.17 -15.10
C GLU A 206 -14.86 -2.12 -15.92
N GLY A 207 -14.34 -3.32 -16.17
CA GLY A 207 -15.06 -4.34 -16.91
C GLY A 207 -15.05 -4.17 -18.41
N LYS A 208 -14.34 -3.17 -18.93
CA LYS A 208 -14.34 -2.88 -20.35
C LYS A 208 -12.98 -3.25 -20.94
N ALA A 209 -13.00 -3.90 -22.10
CA ALA A 209 -11.77 -4.31 -22.77
C ALA A 209 -11.07 -3.10 -23.36
N VAL A 210 -9.77 -2.98 -23.10
CA VAL A 210 -8.98 -1.83 -23.53
C VAL A 210 -7.58 -2.30 -23.92
N HIS A 211 -7.03 -1.64 -24.94
CA HIS A 211 -5.62 -1.74 -25.27
C HIS A 211 -4.99 -0.37 -25.15
N VAL A 212 -3.68 -0.34 -24.89
CA VAL A 212 -2.97 0.92 -24.72
C VAL A 212 -3.09 1.77 -25.98
N SER A 213 -3.28 3.10 -25.78
CA SER A 213 -3.42 4.07 -26.87
C SER A 213 -2.05 4.50 -27.37
N PRO A 214 -1.90 4.73 -28.67
CA PRO A 214 -0.64 5.26 -29.19
C PRO A 214 -0.35 6.65 -28.62
N GLY A 215 0.92 6.94 -28.41
CA GLY A 215 1.34 8.26 -27.98
C GLY A 215 2.80 8.47 -28.26
N MET A 216 3.20 9.74 -28.30
N MET A 216 3.21 9.74 -28.32
CA MET A 216 4.61 10.06 -28.49
CA MET A 216 4.61 10.02 -28.55
C MET A 216 5.45 9.47 -27.37
C MET A 216 5.46 9.52 -27.40
N LEU A 217 6.59 8.88 -27.75
CA LEU A 217 7.53 8.25 -26.83
C LEU A 217 6.94 7.04 -26.13
N ASP A 218 5.91 6.42 -26.70
CA ASP A 218 5.28 5.28 -26.03
C ASP A 218 6.19 4.05 -26.01
N ALA A 219 6.87 3.76 -27.12
CA ALA A 219 7.76 2.61 -27.15
C ALA A 219 8.81 2.68 -26.06
N GLU A 220 9.34 3.87 -25.83
CA GLU A 220 10.42 4.08 -24.88
C GLU A 220 9.95 3.94 -23.43
N ALA A 221 8.72 4.31 -23.15
CA ALA A 221 8.27 4.42 -21.76
C ALA A 221 7.28 3.36 -21.32
N TYR A 222 6.43 2.84 -22.21
CA TYR A 222 5.36 1.97 -21.71
C TYR A 222 4.75 1.05 -22.76
N GLY A 223 5.37 0.92 -23.93
CA GLY A 223 4.69 0.31 -25.06
C GLY A 223 5.01 -1.12 -25.45
N VAL A 224 5.85 -1.84 -24.69
CA VAL A 224 6.23 -3.20 -25.10
C VAL A 224 5.14 -4.19 -24.69
N LYS A 225 4.91 -5.19 -25.54
CA LYS A 225 4.05 -6.33 -25.25
C LYS A 225 4.87 -7.60 -25.34
N SER A 226 4.61 -8.57 -24.48
CA SER A 226 5.41 -9.79 -24.48
C SER A 226 4.62 -10.92 -23.82
N ASN A 227 5.09 -12.15 -24.00
CA ASN A 227 4.48 -13.28 -23.32
C ASN A 227 5.36 -13.71 -22.13
N VAL A 228 4.86 -14.69 -21.37
CA VAL A 228 5.51 -15.02 -20.11
C VAL A 228 6.83 -15.75 -20.37
N LYS A 229 6.97 -16.41 -21.52
CA LYS A 229 8.20 -17.13 -21.81
C LYS A 229 9.33 -16.17 -22.17
N ASP A 230 9.04 -15.19 -23.03
CA ASP A 230 10.04 -14.17 -23.34
C ASP A 230 10.40 -13.36 -22.10
N MET A 231 9.41 -13.06 -21.24
CA MET A 231 9.74 -12.26 -20.06
C MET A 231 10.57 -13.06 -19.05
N ALA A 232 10.33 -14.37 -18.94
CA ALA A 232 11.24 -15.20 -18.16
C ALA A 232 12.66 -15.13 -18.72
N SER A 233 12.80 -15.23 -20.05
N SER A 233 12.80 -15.22 -20.04
CA SER A 233 14.12 -15.12 -20.66
CA SER A 233 14.12 -15.12 -20.64
C SER A 233 14.76 -13.78 -20.37
C SER A 233 14.77 -13.76 -20.40
N TRP A 234 13.95 -12.70 -20.39
CA TRP A 234 14.46 -11.37 -20.07
C TRP A 234 14.97 -11.31 -18.63
N VAL A 235 14.21 -11.84 -17.68
CA VAL A 235 14.66 -11.86 -16.29
C VAL A 235 15.94 -12.68 -16.17
N MET A 236 16.00 -13.84 -16.84
N MET A 236 15.99 -13.85 -16.83
CA MET A 236 17.18 -14.69 -16.75
CA MET A 236 17.18 -14.69 -16.75
C MET A 236 18.42 -13.99 -17.32
C MET A 236 18.41 -13.98 -17.31
N ALA A 237 18.25 -13.25 -18.42
CA ALA A 237 19.38 -12.53 -19.01
C ALA A 237 19.89 -11.41 -18.08
N ASN A 238 18.98 -10.74 -17.38
CA ASN A 238 19.39 -9.67 -16.48
C ASN A 238 19.86 -10.19 -15.14
N MET A 239 19.43 -11.38 -14.74
CA MET A 239 19.85 -11.93 -13.47
C MET A 239 21.20 -12.61 -13.57
N ALA A 240 21.50 -13.18 -14.74
CA ALA A 240 22.72 -13.97 -14.93
C ALA A 240 23.39 -13.59 -16.24
N PRO A 241 23.73 -12.30 -16.43
CA PRO A 241 24.33 -11.90 -17.71
C PRO A 241 25.70 -12.50 -17.95
N GLU A 242 26.37 -12.98 -16.90
CA GLU A 242 27.66 -13.63 -17.07
C GLU A 242 27.54 -14.92 -17.88
N THR A 243 26.33 -15.46 -18.02
CA THR A 243 26.17 -16.65 -18.86
C THR A 243 26.02 -16.29 -20.33
N LEU A 244 25.87 -15.01 -20.66
CA LEU A 244 25.84 -14.56 -22.04
C LEU A 244 27.26 -14.47 -22.61
N PRO A 245 27.40 -14.52 -23.94
CA PRO A 245 28.71 -14.24 -24.52
C PRO A 245 29.07 -12.77 -24.35
N PRO A 246 30.36 -12.44 -24.31
CA PRO A 246 30.75 -11.04 -24.18
C PRO A 246 30.25 -10.21 -25.36
N SER A 247 29.73 -9.02 -25.05
CA SER A 247 29.15 -8.14 -26.07
C SER A 247 28.83 -6.81 -25.41
N THR A 248 28.52 -5.80 -26.25
CA THR A 248 28.04 -4.53 -25.74
C THR A 248 26.70 -4.68 -25.03
N LEU A 249 25.90 -5.67 -25.41
CA LEU A 249 24.63 -5.89 -24.72
C LEU A 249 24.85 -6.39 -23.31
N GLN A 250 25.78 -7.34 -23.12
CA GLN A 250 26.15 -7.76 -21.77
C GLN A 250 26.65 -6.58 -20.95
N GLN A 251 27.49 -5.72 -21.56
CA GLN A 251 27.96 -4.53 -20.86
C GLN A 251 26.80 -3.62 -20.53
N GLY A 252 25.84 -3.49 -21.45
CA GLY A 252 24.70 -2.61 -21.21
C GLY A 252 23.81 -3.09 -20.08
N ILE A 253 23.68 -4.40 -19.92
CA ILE A 253 22.92 -4.95 -18.80
C ILE A 253 23.56 -4.53 -17.48
N ALA A 254 24.89 -4.58 -17.41
CA ALA A 254 25.58 -4.13 -16.21
C ALA A 254 25.37 -2.63 -15.97
N LEU A 255 25.45 -1.82 -17.01
CA LEU A 255 25.23 -0.39 -16.84
C LEU A 255 23.82 -0.09 -16.35
N ALA A 256 22.82 -0.89 -16.77
CA ALA A 256 21.45 -0.61 -16.38
C ALA A 256 21.16 -1.02 -14.94
N GLN A 257 21.92 -1.96 -14.37
CA GLN A 257 21.83 -2.31 -12.96
C GLN A 257 22.88 -1.62 -12.12
N SER A 258 23.61 -0.66 -12.68
CA SER A 258 24.48 0.15 -11.84
C SER A 258 23.63 1.16 -11.04
N ARG A 259 24.18 1.62 -9.91
CA ARG A 259 23.46 2.51 -9.02
C ARG A 259 23.88 3.96 -9.27
N TYR A 260 22.93 4.80 -9.67
CA TYR A 260 23.19 6.18 -10.01
C TYR A 260 22.72 7.17 -8.96
N TRP A 261 21.66 6.83 -8.23
CA TRP A 261 21.09 7.72 -7.22
C TRP A 261 20.47 6.85 -6.14
N ARG A 262 20.34 7.41 -4.95
CA ARG A 262 19.65 6.74 -3.85
C ARG A 262 18.53 7.64 -3.34
N VAL A 263 17.34 7.07 -3.19
CA VAL A 263 16.22 7.72 -2.51
C VAL A 263 15.78 6.76 -1.42
N GLY A 264 16.11 7.09 -0.17
CA GLY A 264 15.78 6.20 0.92
C GLY A 264 16.53 4.89 0.75
N ALA A 265 15.79 3.80 0.64
CA ALA A 265 16.37 2.47 0.47
C ALA A 265 16.39 2.01 -0.98
N MET A 266 15.91 2.84 -1.91
N MET A 266 15.91 2.82 -1.91
CA MET A 266 15.90 2.47 -3.33
CA MET A 266 15.92 2.43 -3.30
C MET A 266 17.07 3.12 -4.04
C MET A 266 17.07 3.11 -4.03
N TYR A 267 17.69 2.37 -4.95
CA TYR A 267 18.71 2.90 -5.85
C TYR A 267 18.16 2.89 -7.26
N GLN A 268 18.40 3.98 -7.99
CA GLN A 268 17.93 4.12 -9.35
C GLN A 268 18.98 3.62 -10.34
N GLY A 269 18.62 2.62 -11.15
CA GLY A 269 19.41 2.20 -12.29
C GLY A 269 18.91 2.87 -13.55
N LEU A 270 19.20 2.26 -14.70
CA LEU A 270 18.63 2.68 -15.98
C LEU A 270 17.41 1.79 -16.22
N GLY A 271 16.22 2.35 -15.96
CA GLY A 271 15.01 1.56 -15.99
C GLY A 271 14.82 0.72 -14.73
N TRP A 272 15.73 -0.21 -14.49
CA TRP A 272 15.67 -1.02 -13.29
C TRP A 272 15.79 -0.17 -12.03
N GLU A 273 15.15 -0.62 -10.96
CA GLU A 273 15.35 -0.10 -9.62
C GLU A 273 15.82 -1.22 -8.69
N MET A 274 16.62 -0.86 -7.67
CA MET A 274 17.29 -1.86 -6.85
C MET A 274 17.22 -1.48 -5.38
N LEU A 275 17.15 -2.49 -4.51
CA LEU A 275 17.35 -2.31 -3.08
C LEU A 275 18.40 -3.30 -2.61
N ASN A 276 19.23 -2.89 -1.64
CA ASN A 276 20.20 -3.83 -1.10
C ASN A 276 19.52 -5.04 -0.47
N TRP A 277 20.04 -6.23 -0.77
CA TRP A 277 19.57 -7.49 -0.22
C TRP A 277 20.50 -7.94 0.90
N PRO A 278 19.99 -8.43 2.04
CA PRO A 278 18.57 -8.69 2.36
C PRO A 278 17.76 -7.45 2.70
N VAL A 279 16.47 -7.50 2.36
CA VAL A 279 15.53 -6.41 2.61
C VAL A 279 14.17 -7.00 2.96
N ASP A 280 13.50 -6.40 3.94
CA ASP A 280 12.15 -6.79 4.33
C ASP A 280 11.12 -6.30 3.30
N VAL A 281 9.98 -6.99 3.24
CA VAL A 281 8.98 -6.70 2.20
C VAL A 281 8.43 -5.29 2.36
N LYS A 282 8.25 -4.82 3.61
CA LYS A 282 7.72 -3.48 3.84
C LYS A 282 8.65 -2.42 3.29
N THR A 283 9.96 -2.65 3.37
CA THR A 283 10.90 -1.71 2.78
C THR A 283 10.82 -1.71 1.26
N VAL A 284 10.61 -2.87 0.63
CA VAL A 284 10.46 -2.91 -0.82
C VAL A 284 9.21 -2.14 -1.23
N VAL A 285 8.10 -2.34 -0.51
CA VAL A 285 6.86 -1.62 -0.81
C VAL A 285 7.08 -0.11 -0.70
N ASP A 286 7.73 0.32 0.38
CA ASP A 286 7.96 1.75 0.59
C ASP A 286 8.90 2.33 -0.45
N GLY A 287 9.86 1.54 -0.93
CA GLY A 287 10.85 1.98 -1.89
C GLY A 287 10.46 1.82 -3.34
N SER A 288 9.21 1.49 -3.62
CA SER A 288 8.75 1.36 -5.00
C SER A 288 7.51 2.19 -5.27
N ASP A 289 7.22 3.17 -4.42
CA ASP A 289 6.15 4.14 -4.67
C ASP A 289 6.78 5.32 -5.41
N ASN A 290 6.34 5.54 -6.65
CA ASN A 290 6.74 6.74 -7.40
C ASN A 290 5.76 7.85 -7.04
N LYS A 291 6.17 8.74 -6.15
CA LYS A 291 5.29 9.77 -5.66
C LYS A 291 4.93 10.75 -6.77
N VAL A 292 3.74 11.35 -6.64
CA VAL A 292 3.34 12.43 -7.54
C VAL A 292 4.23 13.66 -7.32
N ALA A 293 4.75 13.84 -6.11
CA ALA A 293 5.59 14.97 -5.78
C ALA A 293 7.07 14.66 -5.95
N LEU A 294 7.86 15.71 -6.18
CA LEU A 294 9.31 15.60 -6.25
C LEU A 294 9.89 15.26 -4.89
N VAL A 295 10.98 14.50 -4.90
CA VAL A 295 11.74 14.19 -3.68
C VAL A 295 13.23 14.39 -3.95
N PRO A 296 14.02 14.75 -2.94
CA PRO A 296 15.47 14.85 -3.16
C PRO A 296 16.11 13.48 -3.34
N VAL A 297 17.28 13.49 -4.00
CA VAL A 297 18.08 12.29 -4.23
C VAL A 297 19.47 12.49 -3.63
N ALA A 298 20.14 11.36 -3.39
CA ALA A 298 21.55 11.31 -3.06
C ALA A 298 22.32 10.73 -4.24
N GLU A 299 23.37 11.42 -4.64
CA GLU A 299 24.13 11.04 -5.83
C GLU A 299 25.11 9.90 -5.54
N VAL A 300 25.21 8.96 -6.49
CA VAL A 300 26.24 7.92 -6.46
C VAL A 300 27.24 8.28 -7.56
N ASN A 301 28.36 8.87 -7.17
CA ASN A 301 29.37 9.36 -8.11
C ASN A 301 30.74 8.85 -7.67
N PRO A 302 31.42 8.01 -8.46
CA PRO A 302 30.94 7.46 -9.73
C PRO A 302 29.84 6.43 -9.52
N PRO A 303 29.03 6.14 -10.54
CA PRO A 303 28.00 5.12 -10.40
C PRO A 303 28.60 3.83 -9.87
N ALA A 304 27.86 3.16 -8.99
CA ALA A 304 28.33 1.91 -8.42
C ALA A 304 27.98 0.75 -9.35
N PRO A 305 28.90 -0.17 -9.62
CA PRO A 305 28.60 -1.29 -10.50
C PRO A 305 27.54 -2.19 -9.89
N PRO A 306 26.92 -3.07 -10.67
CA PRO A 306 25.87 -3.95 -10.14
C PRO A 306 26.32 -4.71 -8.92
N VAL A 307 25.40 -4.81 -7.95
CA VAL A 307 25.60 -5.52 -6.70
C VAL A 307 24.77 -6.79 -6.76
N LYS A 308 25.43 -7.95 -6.64
CA LYS A 308 24.68 -9.20 -6.72
C LYS A 308 23.67 -9.31 -5.58
N ALA A 309 24.04 -8.82 -4.40
CA ALA A 309 23.12 -8.76 -3.25
C ALA A 309 22.18 -7.57 -3.43
N SER A 310 21.24 -7.73 -4.36
CA SER A 310 20.21 -6.75 -4.61
C SER A 310 18.88 -7.44 -4.88
N TRP A 311 17.80 -6.78 -4.46
CA TRP A 311 16.47 -6.99 -5.01
C TRP A 311 16.32 -6.05 -6.21
N VAL A 312 16.18 -6.60 -7.40
CA VAL A 312 16.09 -5.82 -8.64
C VAL A 312 14.67 -5.96 -9.16
N HIS A 313 14.01 -4.85 -9.49
CA HIS A 313 12.62 -5.02 -9.91
C HIS A 313 12.14 -3.82 -10.73
N LYS A 314 10.95 -4.00 -11.33
CA LYS A 314 10.24 -2.91 -11.99
C LYS A 314 8.77 -3.26 -12.05
N THR A 315 7.92 -2.30 -11.71
CA THR A 315 6.47 -2.37 -11.92
C THR A 315 6.07 -1.73 -13.24
N GLY A 316 4.92 -2.14 -13.75
CA GLY A 316 4.40 -1.46 -14.92
C GLY A 316 2.92 -1.65 -15.12
N SER A 317 2.22 -0.62 -15.59
CA SER A 317 0.79 -0.71 -15.81
C SER A 317 0.43 0.03 -17.09
N THR A 318 -0.68 -0.40 -17.68
CA THR A 318 -1.41 0.41 -18.65
C THR A 318 -2.83 0.52 -18.13
N GLY A 319 -3.70 1.13 -18.94
CA GLY A 319 -5.09 1.23 -18.52
C GLY A 319 -5.67 -0.11 -18.12
N GLY A 320 -5.29 -1.17 -18.83
CA GLY A 320 -5.93 -2.45 -18.62
C GLY A 320 -5.03 -3.56 -18.13
N PHE A 321 -3.76 -3.28 -17.84
CA PHE A 321 -2.80 -4.33 -17.51
C PHE A 321 -1.98 -3.96 -16.30
N GLY A 322 -1.48 -4.98 -15.59
CA GLY A 322 -0.54 -4.77 -14.51
C GLY A 322 0.54 -5.83 -14.53
N SER A 323 1.79 -5.41 -14.64
N SER A 323 1.80 -5.40 -14.64
CA SER A 323 2.92 -6.33 -14.75
CA SER A 323 2.93 -6.30 -14.76
C SER A 323 3.95 -6.05 -13.66
C SER A 323 3.90 -6.07 -13.61
N TYR A 324 4.74 -7.08 -13.35
CA TYR A 324 5.79 -6.94 -12.35
C TYR A 324 6.87 -7.97 -12.61
N VAL A 325 8.13 -7.56 -12.46
CA VAL A 325 9.29 -8.45 -12.56
C VAL A 325 10.23 -8.14 -11.40
N ALA A 326 10.84 -9.18 -10.82
CA ALA A 326 11.75 -9.00 -9.70
C ALA A 326 12.71 -10.18 -9.66
N PHE A 327 13.96 -9.93 -9.27
CA PHE A 327 14.91 -11.02 -9.13
C PHE A 327 16.01 -10.64 -8.13
N ILE A 328 16.67 -11.67 -7.61
CA ILE A 328 17.74 -11.51 -6.62
C ILE A 328 18.96 -12.26 -7.14
N PRO A 329 19.93 -11.57 -7.75
CA PRO A 329 21.04 -12.30 -8.38
C PRO A 329 21.85 -13.14 -7.40
N GLU A 330 22.02 -12.70 -6.16
CA GLU A 330 22.78 -13.49 -5.19
C GLU A 330 22.17 -14.86 -4.95
N LYS A 331 20.85 -14.97 -5.05
CA LYS A 331 20.14 -16.21 -4.83
C LYS A 331 19.73 -16.92 -6.12
N GLN A 332 19.85 -16.25 -7.27
CA GLN A 332 19.46 -16.81 -8.57
C GLN A 332 18.00 -17.29 -8.54
N ILE A 333 17.13 -16.42 -8.04
CA ILE A 333 15.69 -16.62 -8.13
C ILE A 333 15.04 -15.36 -8.66
N GLY A 334 13.91 -15.52 -9.34
CA GLY A 334 13.23 -14.36 -9.90
C GLY A 334 11.81 -14.71 -10.27
N ILE A 335 11.03 -13.69 -10.63
CA ILE A 335 9.61 -13.92 -10.91
C ILE A 335 9.10 -12.90 -11.93
N VAL A 336 8.18 -13.36 -12.78
CA VAL A 336 7.42 -12.51 -13.69
C VAL A 336 5.95 -12.71 -13.37
N MET A 337 5.21 -11.61 -13.22
CA MET A 337 3.76 -11.66 -13.02
C MET A 337 3.09 -10.74 -14.03
N LEU A 338 2.33 -11.31 -14.95
CA LEU A 338 1.62 -10.55 -15.98
C LEU A 338 0.13 -10.68 -15.76
N ALA A 339 -0.59 -9.56 -15.72
CA ALA A 339 -2.03 -9.58 -15.49
C ALA A 339 -2.75 -8.64 -16.45
N ASN A 340 -3.98 -9.02 -16.84
CA ASN A 340 -4.77 -8.14 -17.72
C ASN A 340 -5.85 -7.39 -16.94
N LYS A 341 -5.50 -6.96 -15.72
CA LYS A 341 -6.16 -5.88 -15.02
C LYS A 341 -5.10 -5.22 -14.15
N SER A 342 -5.13 -3.89 -14.06
CA SER A 342 -4.20 -3.19 -13.19
C SER A 342 -4.66 -3.33 -11.74
N TYR A 343 -3.74 -3.69 -10.86
CA TYR A 343 -4.02 -3.83 -9.44
C TYR A 343 -2.84 -3.24 -8.67
N PRO A 344 -3.02 -2.92 -7.39
CA PRO A 344 -2.03 -2.07 -6.70
C PRO A 344 -0.62 -2.63 -6.72
N ASN A 345 0.34 -1.73 -6.99
CA ASN A 345 1.75 -2.12 -6.99
C ASN A 345 2.19 -2.76 -5.69
N PRO A 346 1.85 -2.25 -4.48
CA PRO A 346 2.27 -2.94 -3.26
C PRO A 346 1.80 -4.37 -3.19
N VAL A 347 0.62 -4.65 -3.76
CA VAL A 347 0.13 -6.03 -3.77
C VAL A 347 0.97 -6.90 -4.68
N ARG A 348 1.43 -6.36 -5.82
CA ARG A 348 2.34 -7.10 -6.69
C ARG A 348 3.63 -7.44 -5.95
N VAL A 349 4.20 -6.45 -5.25
CA VAL A 349 5.42 -6.68 -4.47
C VAL A 349 5.18 -7.76 -3.42
N GLU A 350 4.09 -7.63 -2.65
CA GLU A 350 3.81 -8.57 -1.58
C GLU A 350 3.65 -9.99 -2.11
N THR A 351 2.91 -10.14 -3.20
CA THR A 351 2.68 -11.45 -3.80
C THR A 351 3.99 -12.07 -4.27
N ALA A 352 4.79 -11.28 -5.00
CA ALA A 352 6.08 -11.76 -5.51
C ALA A 352 7.02 -12.11 -4.36
N TYR A 353 7.11 -11.23 -3.37
CA TYR A 353 8.02 -11.47 -2.25
C TYR A 353 7.67 -12.76 -1.52
N ARG A 354 6.38 -13.01 -1.30
CA ARG A 354 5.96 -14.21 -0.58
C ARG A 354 6.29 -15.49 -1.37
N ILE A 355 6.11 -15.45 -2.70
CA ILE A 355 6.45 -16.62 -3.52
C ILE A 355 7.94 -16.87 -3.51
N LEU A 356 8.75 -15.81 -3.68
CA LEU A 356 10.20 -16.00 -3.69
C LEU A 356 10.72 -16.48 -2.35
N GLU A 357 10.08 -16.08 -1.25
CA GLU A 357 10.49 -16.51 0.08
C GLU A 357 10.39 -18.01 0.25
N THR A 358 9.44 -18.66 -0.44
CA THR A 358 9.26 -20.11 -0.30
C THR A 358 10.39 -20.88 -0.96
N LEU A 359 11.15 -20.26 -1.85
CA LEU A 359 12.25 -20.92 -2.50
C LEU A 359 13.47 -20.98 -1.57
N MET B 4 -11.52 27.51 8.94
CA MET B 4 -11.31 26.79 7.70
C MET B 4 -12.64 26.38 7.06
N SER B 5 -12.84 26.75 5.80
CA SER B 5 -14.08 26.44 5.11
C SER B 5 -14.15 24.95 4.76
N GLU B 6 -15.34 24.49 4.40
CA GLU B 6 -15.50 23.08 4.05
C GLU B 6 -14.69 22.72 2.81
N LYS B 7 -14.63 23.65 1.84
CA LYS B 7 -13.79 23.42 0.66
C LYS B 7 -12.33 23.33 1.04
N GLN B 8 -11.85 24.24 1.89
CA GLN B 8 -10.46 24.19 2.35
C GLN B 8 -10.18 22.91 3.13
N LEU B 9 -11.10 22.50 4.00
CA LEU B 9 -10.90 21.27 4.77
C LEU B 9 -10.86 20.05 3.87
N ALA B 10 -11.77 19.97 2.90
CA ALA B 10 -11.76 18.86 1.96
C ALA B 10 -10.44 18.79 1.18
N ASP B 11 -9.87 19.96 0.86
CA ASP B 11 -8.59 19.97 0.16
C ASP B 11 -7.47 19.40 1.02
N VAL B 12 -7.41 19.82 2.29
CA VAL B 12 -6.42 19.27 3.22
C VAL B 12 -6.55 17.75 3.28
N VAL B 13 -7.78 17.25 3.48
CA VAL B 13 -7.97 15.81 3.62
C VAL B 13 -7.59 15.09 2.34
N GLU B 14 -8.03 15.59 1.20
CA GLU B 14 -7.74 14.92 -0.07
C GLU B 14 -6.24 14.90 -0.37
N ARG B 15 -5.56 16.03 -0.14
N ARG B 15 -5.56 16.03 -0.14
CA ARG B 15 -4.11 16.09 -0.43
CA ARG B 15 -4.12 16.11 -0.42
C ARG B 15 -3.31 15.15 0.45
C ARG B 15 -3.31 15.16 0.45
N THR B 16 -3.84 14.76 1.60
CA THR B 16 -3.18 13.81 2.50
C THR B 16 -3.59 12.37 2.22
N VAL B 17 -4.88 12.13 1.98
CA VAL B 17 -5.39 10.76 1.85
C VAL B 17 -5.06 10.17 0.49
N THR B 18 -5.09 10.97 -0.59
CA THR B 18 -4.83 10.41 -1.91
C THR B 18 -3.45 9.77 -2.01
N PRO B 19 -2.34 10.44 -1.67
CA PRO B 19 -1.04 9.76 -1.76
C PRO B 19 -0.90 8.61 -0.77
N LEU B 20 -1.56 8.68 0.38
CA LEU B 20 -1.53 7.60 1.34
C LEU B 20 -2.14 6.33 0.77
N MET B 21 -3.32 6.45 0.16
CA MET B 21 -3.99 5.26 -0.36
C MET B 21 -3.20 4.62 -1.49
N LYS B 22 -2.53 5.44 -2.30
CA LYS B 22 -1.69 4.92 -3.38
C LYS B 22 -0.45 4.23 -2.82
N ALA B 23 0.22 4.88 -1.87
CA ALA B 23 1.45 4.32 -1.28
C ALA B 23 1.20 3.02 -0.54
N GLN B 24 0.03 2.90 0.11
CA GLN B 24 -0.25 1.75 0.95
C GLN B 24 -1.23 0.77 0.34
N ALA B 25 -1.67 0.98 -0.90
CA ALA B 25 -2.64 0.09 -1.55
C ALA B 25 -3.88 -0.11 -0.68
N ILE B 26 -4.39 1.00 -0.13
CA ILE B 26 -5.62 0.98 0.64
C ILE B 26 -6.79 1.12 -0.34
N PRO B 27 -7.65 0.10 -0.49
CA PRO B 27 -8.72 0.22 -1.50
C PRO B 27 -9.75 1.28 -1.19
N GLY B 28 -10.11 1.42 0.08
CA GLY B 28 -11.19 2.33 0.45
C GLY B 28 -10.96 2.94 1.82
N MET B 29 -11.29 4.22 1.98
CA MET B 29 -11.18 4.89 3.27
C MET B 29 -12.38 5.78 3.51
N ALA B 30 -12.83 5.84 4.76
CA ALA B 30 -13.79 6.83 5.21
C ALA B 30 -13.16 7.63 6.32
N VAL B 31 -13.24 8.96 6.20
CA VAL B 31 -12.64 9.87 7.17
C VAL B 31 -13.71 10.81 7.72
N ALA B 32 -13.69 11.03 9.03
CA ALA B 32 -14.48 12.11 9.62
C ALA B 32 -13.55 13.06 10.34
N VAL B 33 -13.76 14.36 10.16
CA VAL B 33 -13.07 15.39 10.93
C VAL B 33 -14.10 16.08 11.80
N ILE B 34 -13.79 16.22 13.10
CA ILE B 34 -14.63 16.96 14.04
C ILE B 34 -14.02 18.33 14.23
N TYR B 35 -14.80 19.37 13.98
CA TYR B 35 -14.25 20.71 13.88
C TYR B 35 -15.41 21.68 14.09
N GLN B 36 -15.25 22.63 15.01
CA GLN B 36 -16.26 23.66 15.26
C GLN B 36 -17.59 23.06 15.71
N GLY B 37 -17.51 21.94 16.43
CA GLY B 37 -18.68 21.24 16.90
C GLY B 37 -19.39 20.37 15.90
N GLN B 38 -18.83 20.20 14.69
CA GLN B 38 -19.53 19.53 13.61
C GLN B 38 -18.69 18.39 13.05
N PRO B 39 -19.32 17.29 12.65
CA PRO B 39 -18.61 16.27 11.87
C PRO B 39 -18.58 16.63 10.39
N HIS B 40 -17.47 16.29 9.74
CA HIS B 40 -17.28 16.46 8.30
C HIS B 40 -16.82 15.13 7.72
N TYR B 41 -17.52 14.65 6.69
CA TYR B 41 -17.26 13.31 6.17
C TYR B 41 -16.59 13.37 4.80
N PHE B 42 -15.65 12.45 4.59
CA PHE B 42 -14.91 12.33 3.33
C PHE B 42 -14.74 10.85 3.03
N THR B 43 -15.15 10.43 1.84
CA THR B 43 -15.05 9.02 1.47
C THR B 43 -14.25 8.88 0.18
N PHE B 44 -13.51 7.77 0.10
CA PHE B 44 -12.56 7.50 -0.96
C PHE B 44 -12.60 6.02 -1.34
N GLY B 45 -12.56 5.74 -2.64
CA GLY B 45 -12.26 4.38 -3.06
C GLY B 45 -13.41 3.40 -2.88
N LYS B 46 -13.04 2.13 -2.71
CA LYS B 46 -13.96 1.01 -2.87
C LYS B 46 -14.08 0.23 -1.57
N ALA B 47 -15.32 -0.10 -1.21
CA ALA B 47 -15.58 -1.05 -0.12
C ALA B 47 -15.41 -2.49 -0.58
N ASP B 48 -15.64 -2.74 -1.87
CA ASP B 48 -15.58 -4.08 -2.45
C ASP B 48 -14.95 -3.92 -3.83
N VAL B 49 -13.69 -4.35 -3.97
CA VAL B 49 -12.96 -4.11 -5.22
C VAL B 49 -13.60 -4.87 -6.38
N ALA B 50 -13.89 -6.16 -6.19
CA ALA B 50 -14.37 -6.97 -7.30
C ALA B 50 -15.73 -6.50 -7.78
N ALA B 51 -16.62 -6.15 -6.84
CA ALA B 51 -17.96 -5.69 -7.18
C ALA B 51 -18.02 -4.20 -7.51
N ASN B 52 -16.89 -3.50 -7.36
CA ASN B 52 -16.80 -2.06 -7.62
C ASN B 52 -17.84 -1.27 -6.82
N LYS B 53 -17.93 -1.57 -5.53
CA LYS B 53 -18.83 -0.86 -4.64
C LYS B 53 -18.08 0.25 -3.94
N PRO B 54 -18.53 1.49 -4.02
CA PRO B 54 -17.80 2.60 -3.40
C PRO B 54 -17.97 2.66 -1.89
N VAL B 55 -16.94 3.20 -1.23
CA VAL B 55 -17.10 3.59 0.17
C VAL B 55 -18.08 4.75 0.25
N THR B 56 -19.01 4.67 1.19
CA THR B 56 -19.96 5.73 1.50
C THR B 56 -19.90 5.96 3.00
N PRO B 57 -20.58 7.01 3.50
CA PRO B 57 -20.63 7.18 4.96
C PRO B 57 -21.39 6.09 5.69
N GLN B 58 -22.08 5.19 4.97
N GLN B 58 -22.08 5.18 4.98
CA GLN B 58 -22.77 4.05 5.55
CA GLN B 58 -22.75 4.06 5.62
C GLN B 58 -21.93 2.77 5.54
C GLN B 58 -21.91 2.78 5.59
N THR B 59 -20.77 2.78 4.92
CA THR B 59 -19.94 1.58 4.83
C THR B 59 -19.45 1.16 6.22
N LEU B 60 -19.60 -0.13 6.52
CA LEU B 60 -19.12 -0.68 7.79
C LEU B 60 -17.69 -1.16 7.65
N PHE B 61 -16.84 -0.79 8.61
CA PHE B 61 -15.45 -1.22 8.68
C PHE B 61 -15.21 -1.96 9.98
N GLU B 62 -14.24 -2.88 9.99
CA GLU B 62 -13.84 -3.51 11.23
C GLU B 62 -12.94 -2.56 12.03
N LEU B 63 -13.24 -2.38 13.31
CA LEU B 63 -12.47 -1.47 14.15
C LEU B 63 -11.25 -2.11 14.80
N GLY B 64 -11.18 -3.44 14.86
CA GLY B 64 -10.06 -4.05 15.57
C GLY B 64 -9.99 -3.53 16.99
N SER B 65 -8.77 -3.22 17.45
CA SER B 65 -8.55 -2.84 18.85
C SER B 65 -9.20 -1.51 19.24
N VAL B 66 -9.69 -0.70 18.29
CA VAL B 66 -10.48 0.46 18.66
C VAL B 66 -11.73 0.01 19.40
N SER B 67 -12.13 -1.25 19.22
CA SER B 67 -13.23 -1.81 20.02
C SER B 67 -12.99 -1.65 21.50
N LYS B 68 -11.72 -1.68 21.92
CA LYS B 68 -11.38 -1.56 23.33
C LYS B 68 -11.80 -0.23 23.94
N THR B 69 -11.95 0.82 23.12
CA THR B 69 -12.44 2.08 23.67
C THR B 69 -13.90 1.97 24.10
N PHE B 70 -14.72 1.25 23.33
CA PHE B 70 -16.09 0.98 23.77
C PHE B 70 -16.09 0.13 25.04
N THR B 71 -15.27 -0.93 25.08
CA THR B 71 -15.19 -1.76 26.28
C THR B 71 -14.75 -0.96 27.49
N GLY B 72 -13.78 -0.06 27.31
CA GLY B 72 -13.31 0.73 28.44
C GLY B 72 -14.38 1.67 28.98
N VAL B 73 -15.15 2.30 28.09
CA VAL B 73 -16.22 3.20 28.50
C VAL B 73 -17.34 2.41 29.16
N LEU B 74 -17.66 1.22 28.64
CA LEU B 74 -18.66 0.38 29.31
C LEU B 74 -18.21 0.05 30.73
N GLY B 75 -16.91 -0.22 30.90
CA GLY B 75 -16.38 -0.46 32.23
C GLY B 75 -16.47 0.78 33.10
N GLY B 76 -16.12 1.94 32.55
CA GLY B 76 -16.25 3.18 33.31
C GLY B 76 -17.67 3.43 33.76
N ASP B 77 -18.64 3.16 32.88
CA ASP B 77 -20.05 3.30 33.23
C ASP B 77 -20.42 2.38 34.38
N ALA B 78 -19.88 1.15 34.40
CA ALA B 78 -20.15 0.23 35.49
C ALA B 78 -19.52 0.72 36.79
N ILE B 79 -18.34 1.34 36.70
CA ILE B 79 -17.74 1.96 37.88
C ILE B 79 -18.65 3.08 38.40
N ALA B 80 -19.14 3.92 37.49
CA ALA B 80 -19.99 5.04 37.89
C ALA B 80 -21.31 4.58 38.50
N ARG B 81 -21.82 3.42 38.06
CA ARG B 81 -23.01 2.79 38.61
C ARG B 81 -22.76 2.14 39.97
N LYS B 82 -21.52 2.13 40.45
CA LYS B 82 -21.11 1.44 41.68
C LYS B 82 -21.28 -0.06 41.57
N GLU B 83 -21.28 -0.61 40.35
CA GLU B 83 -21.34 -2.06 40.17
C GLU B 83 -19.98 -2.71 40.34
N ILE B 84 -18.91 -2.02 39.92
CA ILE B 84 -17.55 -2.52 40.04
C ILE B 84 -16.65 -1.39 40.51
N SER B 85 -15.46 -1.75 40.98
CA SER B 85 -14.37 -0.81 41.18
C SER B 85 -13.12 -1.39 40.57
N LEU B 86 -12.26 -0.52 40.02
CA LEU B 86 -10.98 -1.01 39.51
C LEU B 86 -10.13 -1.65 40.61
N ALA B 87 -10.40 -1.35 41.88
CA ALA B 87 -9.68 -1.95 42.99
C ALA B 87 -10.15 -3.36 43.31
N ASP B 88 -11.26 -3.80 42.70
CA ASP B 88 -11.81 -5.11 43.01
C ASP B 88 -10.87 -6.21 42.53
N PRO B 89 -10.83 -7.34 43.24
CA PRO B 89 -10.04 -8.48 42.74
C PRO B 89 -10.74 -9.17 41.58
N VAL B 90 -9.94 -9.64 40.61
CA VAL B 90 -10.48 -10.46 39.52
C VAL B 90 -11.28 -11.64 40.07
N THR B 91 -10.81 -12.23 41.17
CA THR B 91 -11.47 -13.42 41.73
C THR B 91 -12.88 -13.12 42.23
N LYS B 92 -13.23 -11.85 42.43
CA LYS B 92 -14.61 -11.52 42.75
C LYS B 92 -15.53 -11.88 41.61
N TYR B 93 -15.06 -11.73 40.37
CA TYR B 93 -15.90 -11.93 39.20
C TYR B 93 -15.66 -13.27 38.52
N TRP B 94 -14.52 -13.91 38.79
CA TRP B 94 -14.24 -15.26 38.28
C TRP B 94 -13.54 -16.01 39.41
N PRO B 95 -14.30 -16.48 40.40
CA PRO B 95 -13.66 -17.15 41.55
C PRO B 95 -12.97 -18.45 41.20
N GLU B 96 -13.20 -18.99 40.01
CA GLU B 96 -12.52 -20.22 39.60
C GLU B 96 -11.05 -19.99 39.29
N LEU B 97 -10.65 -18.73 39.10
CA LEU B 97 -9.24 -18.41 38.83
C LEU B 97 -8.48 -18.40 40.15
N THR B 98 -8.16 -19.60 40.62
CA THR B 98 -7.55 -19.80 41.92
C THR B 98 -6.03 -19.84 41.88
N GLY B 99 -5.43 -19.75 40.70
CA GLY B 99 -3.98 -19.90 40.60
C GLY B 99 -3.22 -18.79 41.29
N LYS B 100 -1.97 -19.11 41.62
CA LYS B 100 -1.09 -18.16 42.33
C LYS B 100 -0.98 -16.85 41.58
N GLN B 101 -0.92 -16.91 40.25
CA GLN B 101 -0.71 -15.71 39.45
C GLN B 101 -1.89 -14.74 39.47
N TRP B 102 -3.05 -15.18 39.95
CA TRP B 102 -4.24 -14.35 39.99
C TRP B 102 -4.53 -13.77 41.36
N GLN B 103 -3.78 -14.19 42.38
CA GLN B 103 -3.99 -13.71 43.75
C GLN B 103 -3.59 -12.25 43.88
N GLY B 104 -4.54 -11.40 44.23
CA GLY B 104 -4.27 -9.99 44.37
C GLY B 104 -4.36 -9.20 43.09
N ILE B 105 -4.67 -9.84 41.97
CA ILE B 105 -4.81 -9.13 40.70
C ILE B 105 -6.14 -8.37 40.70
N ARG B 106 -6.07 -7.08 40.36
CA ARG B 106 -7.21 -6.18 40.33
C ARG B 106 -7.76 -6.04 38.92
N LEU B 107 -9.02 -5.59 38.82
CA LEU B 107 -9.52 -5.17 37.51
C LEU B 107 -8.58 -4.14 36.89
N LEU B 108 -8.01 -3.25 37.71
CA LEU B 108 -7.07 -2.25 37.21
C LEU B 108 -5.92 -2.89 36.46
N ASP B 109 -5.45 -4.05 36.94
CA ASP B 109 -4.31 -4.70 36.32
C ASP B 109 -4.64 -5.21 34.92
N LEU B 110 -5.90 -5.50 34.64
CA LEU B 110 -6.25 -5.91 33.28
C LEU B 110 -6.21 -4.75 32.28
N ALA B 111 -6.14 -3.50 32.74
CA ALA B 111 -6.15 -2.35 31.84
C ALA B 111 -4.78 -2.02 31.25
N THR B 112 -3.70 -2.59 31.78
CA THR B 112 -2.36 -2.36 31.21
C THR B 112 -1.82 -3.59 30.49
N PRO B 123 -6.02 -18.11 22.07
CA PRO B 123 -5.74 -19.09 21.01
C PRO B 123 -7.00 -19.52 20.28
N ASP B 124 -6.89 -19.75 18.96
CA ASP B 124 -8.05 -20.08 18.15
C ASP B 124 -8.65 -21.42 18.53
N ASN B 125 -7.87 -22.33 19.11
CA ASN B 125 -8.40 -23.62 19.51
C ASN B 125 -9.13 -23.57 20.86
N VAL B 126 -9.14 -22.42 21.53
CA VAL B 126 -9.91 -22.23 22.75
C VAL B 126 -11.29 -21.71 22.34
N THR B 127 -12.31 -22.56 22.47
CA THR B 127 -13.63 -22.24 21.94
C THR B 127 -14.78 -22.43 22.92
N ASP B 128 -14.52 -22.85 24.16
CA ASP B 128 -15.58 -22.98 25.15
C ASP B 128 -15.07 -22.47 26.50
N ASN B 129 -15.96 -22.47 27.49
CA ASN B 129 -15.61 -21.90 28.78
C ASN B 129 -14.62 -22.78 29.54
N ALA B 130 -14.76 -24.10 29.45
CA ALA B 130 -13.81 -24.99 30.11
C ALA B 130 -12.40 -24.77 29.59
N SER B 131 -12.26 -24.65 28.26
CA SER B 131 -10.94 -24.42 27.67
C SER B 131 -10.41 -23.04 28.03
N LEU B 132 -11.29 -22.04 28.07
CA LEU B 132 -10.86 -20.69 28.43
C LEU B 132 -10.33 -20.66 29.86
N LEU B 133 -10.98 -21.39 30.77
CA LEU B 133 -10.49 -21.47 32.14
C LEU B 133 -9.10 -22.13 32.18
N ARG B 134 -8.94 -23.26 31.48
CA ARG B 134 -7.63 -23.90 31.43
C ARG B 134 -6.58 -22.95 30.85
N PHE B 135 -6.97 -22.12 29.87
CA PHE B 135 -6.03 -21.17 29.30
C PHE B 135 -5.56 -20.17 30.36
N TYR B 136 -6.50 -19.53 31.06
CA TYR B 136 -6.09 -18.55 32.05
C TYR B 136 -5.47 -19.18 33.29
N GLN B 137 -5.78 -20.44 33.60
CA GLN B 137 -5.11 -21.09 34.72
C GLN B 137 -3.66 -21.42 34.41
N SER B 138 -3.30 -21.52 33.14
CA SER B 138 -1.92 -21.83 32.77
C SER B 138 -1.11 -20.58 32.44
N TRP B 139 -1.74 -19.41 32.41
CA TRP B 139 -1.07 -18.18 32.02
C TRP B 139 -0.01 -17.75 33.01
N ASN B 153 -2.41 -6.79 23.61
CA ASN B 153 -1.43 -6.24 24.54
C ASN B 153 -2.03 -6.10 25.94
N THR B 154 -3.06 -5.27 26.09
CA THR B 154 -3.76 -5.21 27.37
C THR B 154 -4.77 -6.35 27.46
N SER B 155 -5.30 -6.54 28.67
CA SER B 155 -6.38 -7.50 28.89
C SER B 155 -7.72 -6.80 29.05
N ILE B 156 -7.96 -5.72 28.29
CA ILE B 156 -9.25 -5.04 28.32
C ILE B 156 -10.36 -5.98 27.88
N GLY B 157 -10.04 -6.96 27.02
CA GLY B 157 -11.00 -7.99 26.65
C GLY B 157 -11.58 -8.74 27.83
N LEU B 158 -10.70 -9.37 28.62
CA LEU B 158 -11.17 -10.06 29.83
C LEU B 158 -11.81 -9.08 30.79
N PHE B 159 -11.26 -7.87 30.89
CA PHE B 159 -11.85 -6.85 31.75
C PHE B 159 -13.31 -6.60 31.41
N GLY B 160 -13.64 -6.48 30.12
CA GLY B 160 -15.01 -6.20 29.74
C GLY B 160 -15.94 -7.36 30.05
N SER B 161 -15.46 -8.60 29.87
CA SER B 161 -16.29 -9.75 30.19
C SER B 161 -16.63 -9.78 31.67
N LEU B 162 -15.67 -9.43 32.53
CA LEU B 162 -15.92 -9.42 33.97
C LEU B 162 -16.73 -8.21 34.41
N ALA B 163 -16.49 -7.06 33.77
CA ALA B 163 -17.14 -5.82 34.19
C ALA B 163 -18.66 -5.89 34.07
N VAL B 164 -19.17 -6.68 33.12
CA VAL B 164 -20.61 -6.73 32.89
C VAL B 164 -21.31 -7.77 33.77
N LYS B 165 -20.57 -8.49 34.61
CA LYS B 165 -21.20 -9.56 35.36
C LYS B 165 -22.21 -9.05 36.40
N PRO B 166 -21.96 -7.95 37.11
CA PRO B 166 -23.01 -7.44 38.02
C PRO B 166 -24.27 -7.02 37.30
N SER B 167 -24.18 -6.65 36.02
CA SER B 167 -25.37 -6.24 35.27
C SER B 167 -26.31 -7.40 35.00
N GLY B 168 -25.83 -8.63 35.05
CA GLY B 168 -26.64 -9.77 34.67
C GLY B 168 -26.87 -9.92 33.18
N MET B 169 -26.23 -9.10 32.36
CA MET B 169 -26.37 -9.14 30.92
C MET B 169 -25.13 -9.73 30.26
N ARG B 170 -25.34 -10.38 29.12
CA ARG B 170 -24.23 -10.76 28.26
C ARG B 170 -23.56 -9.49 27.73
N PHE B 171 -22.26 -9.60 27.44
CA PHE B 171 -21.48 -8.42 27.08
C PHE B 171 -22.10 -7.66 25.90
N GLU B 172 -22.51 -8.37 24.84
CA GLU B 172 -23.05 -7.67 23.68
C GLU B 172 -24.32 -6.90 24.03
N GLN B 173 -25.18 -7.49 24.86
CA GLN B 173 -26.41 -6.82 25.26
C GLN B 173 -26.11 -5.61 26.15
N ALA B 174 -25.19 -5.75 27.11
CA ALA B 174 -24.84 -4.63 27.96
C ALA B 174 -24.24 -3.48 27.15
N MET B 175 -23.41 -3.81 26.16
CA MET B 175 -22.81 -2.78 25.33
C MET B 175 -23.87 -2.01 24.54
N ALA B 176 -24.82 -2.73 23.93
CA ALA B 176 -25.86 -2.06 23.16
C ALA B 176 -26.75 -1.21 24.07
N GLU B 177 -27.16 -1.77 25.20
CA GLU B 177 -28.12 -1.08 26.05
C GLU B 177 -27.51 0.11 26.77
N ARG B 178 -26.22 0.03 27.15
CA ARG B 178 -25.63 1.05 28.00
C ARG B 178 -24.73 2.02 27.27
N VAL B 179 -24.26 1.69 26.05
CA VAL B 179 -23.32 2.55 25.35
C VAL B 179 -23.82 2.90 23.96
N PHE B 180 -24.06 1.89 23.11
CA PHE B 180 -24.44 2.18 21.71
C PHE B 180 -25.75 2.96 21.65
N LYS B 181 -26.82 2.39 22.19
CA LYS B 181 -28.15 2.96 22.00
C LYS B 181 -28.29 4.33 22.67
N PRO B 182 -27.78 4.54 23.90
CA PRO B 182 -27.91 5.89 24.48
C PRO B 182 -27.18 6.96 23.69
N LEU B 183 -26.08 6.62 23.01
CA LEU B 183 -25.37 7.55 22.16
C LEU B 183 -25.89 7.57 20.74
N LYS B 184 -26.99 6.88 20.46
CA LYS B 184 -27.61 6.84 19.13
C LYS B 184 -26.64 6.29 18.09
N LEU B 185 -25.81 5.33 18.50
CA LEU B 185 -24.91 4.61 17.59
C LEU B 185 -25.68 3.39 17.11
N ASN B 186 -26.56 3.63 16.15
CA ASN B 186 -27.52 2.63 15.67
C ASN B 186 -27.02 1.86 14.47
N HIS B 187 -25.79 2.11 14.02
CA HIS B 187 -25.16 1.38 12.94
C HIS B 187 -23.77 0.91 13.36
N THR B 188 -23.67 0.50 14.63
CA THR B 188 -22.46 -0.01 15.24
C THR B 188 -22.79 -1.38 15.80
N TRP B 189 -21.99 -2.38 15.43
CA TRP B 189 -22.41 -3.77 15.57
C TRP B 189 -21.27 -4.62 16.11
N ILE B 190 -21.59 -5.51 17.03
CA ILE B 190 -20.70 -6.60 17.34
C ILE B 190 -20.94 -7.77 16.39
N ASN B 191 -22.20 -8.08 16.13
CA ASN B 191 -22.59 -9.01 15.07
C ASN B 191 -23.42 -8.23 14.06
N VAL B 192 -22.97 -8.19 12.81
CA VAL B 192 -23.66 -7.44 11.78
C VAL B 192 -24.95 -8.16 11.42
N PRO B 193 -26.12 -7.53 11.60
CA PRO B 193 -27.38 -8.18 11.22
C PRO B 193 -27.43 -8.46 9.73
N HIS B 194 -28.19 -9.48 9.36
CA HIS B 194 -28.29 -9.87 7.96
C HIS B 194 -28.74 -8.69 7.10
N ALA B 195 -29.68 -7.89 7.61
CA ALA B 195 -30.19 -6.75 6.86
C ALA B 195 -29.15 -5.66 6.66
N GLU B 196 -28.01 -5.73 7.35
CA GLU B 196 -26.96 -4.72 7.23
C GLU B 196 -25.74 -5.21 6.47
N GLU B 197 -25.72 -6.47 6.04
CA GLU B 197 -24.51 -7.03 5.43
C GLU B 197 -24.12 -6.32 4.15
N SER B 198 -25.09 -5.73 3.45
CA SER B 198 -24.79 -5.02 2.21
C SER B 198 -23.85 -3.84 2.43
N HIS B 199 -23.74 -3.35 3.66
CA HIS B 199 -22.86 -2.22 3.98
C HIS B 199 -21.47 -2.66 4.42
N TYR B 200 -21.26 -3.94 4.67
CA TYR B 200 -20.03 -4.45 5.26
C TYR B 200 -18.94 -4.50 4.20
N ALA B 201 -17.93 -3.64 4.33
CA ALA B 201 -16.82 -3.66 3.40
C ALA B 201 -16.04 -4.96 3.52
N TRP B 202 -15.38 -5.34 2.43
CA TRP B 202 -14.36 -6.37 2.50
C TRP B 202 -13.04 -5.75 2.94
N GLY B 203 -12.28 -6.51 3.74
CA GLY B 203 -10.92 -6.16 4.05
C GLY B 203 -9.97 -6.82 3.07
N TYR B 204 -8.75 -6.27 2.96
CA TYR B 204 -7.79 -6.76 1.97
C TYR B 204 -6.44 -6.98 2.64
N ARG B 205 -5.97 -8.22 2.63
N ARG B 205 -5.96 -8.22 2.60
CA ARG B 205 -4.65 -8.58 3.13
CA ARG B 205 -4.66 -8.58 3.14
C ARG B 205 -3.86 -9.13 1.95
C ARG B 205 -3.83 -9.16 2.00
N GLU B 206 -2.79 -8.42 1.58
CA GLU B 206 -2.00 -8.77 0.40
C GLU B 206 -2.91 -9.00 -0.81
N GLY B 207 -3.93 -8.14 -0.94
CA GLY B 207 -4.81 -8.19 -2.09
C GLY B 207 -5.93 -9.22 -2.01
N LYS B 208 -6.00 -10.01 -0.95
CA LYS B 208 -7.04 -11.02 -0.80
C LYS B 208 -8.13 -10.52 0.14
N ALA B 209 -9.39 -10.83 -0.20
CA ALA B 209 -10.53 -10.35 0.57
C ALA B 209 -10.77 -11.19 1.81
N VAL B 210 -10.84 -10.54 2.97
CA VAL B 210 -10.92 -11.21 4.26
C VAL B 210 -11.87 -10.46 5.19
N HIS B 211 -12.46 -11.21 6.12
CA HIS B 211 -13.20 -10.63 7.24
C HIS B 211 -12.66 -11.25 8.53
N VAL B 212 -12.83 -10.53 9.64
CA VAL B 212 -12.30 -11.01 10.92
C VAL B 212 -13.01 -12.29 11.32
N SER B 213 -12.25 -13.22 11.87
CA SER B 213 -12.77 -14.50 12.30
C SER B 213 -13.23 -14.42 13.76
N PRO B 214 -14.22 -15.23 14.14
CA PRO B 214 -14.67 -15.23 15.54
C PRO B 214 -13.63 -15.84 16.44
N GLY B 215 -13.69 -15.46 17.71
CA GLY B 215 -12.85 -16.07 18.72
C GLY B 215 -13.36 -15.68 20.10
N MET B 216 -12.90 -16.42 21.11
CA MET B 216 -13.28 -16.08 22.47
C MET B 216 -12.83 -14.65 22.80
N LEU B 217 -13.69 -13.93 23.51
CA LEU B 217 -13.49 -12.52 23.88
C LEU B 217 -13.33 -11.61 22.67
N ASP B 218 -13.85 -11.99 21.49
CA ASP B 218 -13.69 -11.14 20.32
C ASP B 218 -14.50 -9.86 20.42
N ALA B 219 -15.75 -9.95 20.91
CA ALA B 219 -16.59 -8.77 21.07
C ALA B 219 -15.90 -7.72 21.95
N GLU B 220 -15.25 -8.18 23.01
CA GLU B 220 -14.67 -7.26 23.99
C GLU B 220 -13.38 -6.63 23.50
N ALA B 221 -12.64 -7.32 22.64
CA ALA B 221 -11.29 -6.88 22.30
C ALA B 221 -11.14 -6.35 20.89
N TYR B 222 -11.86 -6.89 19.91
CA TYR B 222 -11.54 -6.51 18.53
C TYR B 222 -12.68 -6.68 17.55
N GLY B 223 -13.90 -6.89 18.03
CA GLY B 223 -14.98 -7.34 17.17
C GLY B 223 -15.98 -6.32 16.67
N VAL B 224 -15.87 -5.05 17.06
CA VAL B 224 -16.88 -4.07 16.66
C VAL B 224 -16.69 -3.66 15.21
N LYS B 225 -17.82 -3.48 14.51
CA LYS B 225 -17.85 -2.88 13.18
C LYS B 225 -18.73 -1.63 13.23
N SER B 226 -18.34 -0.60 12.49
CA SER B 226 -19.11 0.64 12.51
C SER B 226 -18.85 1.41 11.23
N ASN B 227 -19.68 2.43 10.99
CA ASN B 227 -19.50 3.33 9.86
C ASN B 227 -18.91 4.65 10.33
N VAL B 228 -18.58 5.52 9.38
CA VAL B 228 -17.83 6.70 9.74
C VAL B 228 -18.69 7.71 10.50
N LYS B 229 -20.01 7.67 10.30
CA LYS B 229 -20.89 8.60 10.98
C LYS B 229 -21.02 8.25 12.45
N ASP B 230 -21.25 6.96 12.76
CA ASP B 230 -21.28 6.56 14.16
C ASP B 230 -19.94 6.78 14.82
N MET B 231 -18.84 6.52 14.10
CA MET B 231 -17.54 6.71 14.76
C MET B 231 -17.25 8.18 15.01
N ALA B 232 -17.71 9.07 14.13
CA ALA B 232 -17.62 10.51 14.41
C ALA B 232 -18.40 10.87 15.66
N SER B 233 -19.60 10.30 15.81
N SER B 233 -19.59 10.30 15.83
CA SER B 233 -20.39 10.54 17.01
CA SER B 233 -20.38 10.58 17.01
C SER B 233 -19.67 10.04 18.25
C SER B 233 -19.72 10.02 18.27
N TRP B 234 -19.05 8.87 18.13
CA TRP B 234 -18.29 8.30 19.24
C TRP B 234 -17.15 9.24 19.65
N VAL B 235 -16.41 9.76 18.66
CA VAL B 235 -15.31 10.65 18.97
C VAL B 235 -15.84 11.94 19.61
N MET B 236 -16.95 12.47 19.09
CA MET B 236 -17.52 13.70 19.68
C MET B 236 -17.93 13.49 21.13
N ALA B 237 -18.53 12.34 21.45
CA ALA B 237 -18.96 12.09 22.83
C ALA B 237 -17.77 11.99 23.77
N ASN B 238 -16.68 11.38 23.32
CA ASN B 238 -15.50 11.23 24.16
C ASN B 238 -14.66 12.49 24.23
N MET B 239 -14.72 13.36 23.22
CA MET B 239 -13.93 14.58 23.17
C MET B 239 -14.52 15.66 24.06
N ALA B 240 -15.84 15.71 24.16
CA ALA B 240 -16.54 16.78 24.87
C ALA B 240 -17.61 16.19 25.78
N PRO B 241 -17.23 15.39 26.78
CA PRO B 241 -18.24 14.84 27.70
C PRO B 241 -18.93 15.90 28.52
N GLU B 242 -18.31 17.08 28.68
CA GLU B 242 -18.93 18.17 29.42
C GLU B 242 -20.19 18.69 28.74
N THR B 243 -20.35 18.45 27.45
CA THR B 243 -21.59 18.84 26.77
C THR B 243 -22.71 17.83 26.96
N LEU B 244 -22.41 16.63 27.53
CA LEU B 244 -23.43 15.64 27.81
C LEU B 244 -24.15 15.96 29.12
N PRO B 245 -25.42 15.58 29.24
CA PRO B 245 -26.09 15.69 30.54
C PRO B 245 -25.43 14.78 31.55
N PRO B 246 -25.46 15.15 32.82
CA PRO B 246 -24.91 14.27 33.86
C PRO B 246 -25.54 12.89 33.81
N SER B 247 -24.71 11.86 33.82
CA SER B 247 -25.18 10.48 33.72
C SER B 247 -24.00 9.56 34.03
N THR B 248 -24.31 8.29 34.35
CA THR B 248 -23.21 7.37 34.57
C THR B 248 -22.37 7.17 33.32
N LEU B 249 -22.98 7.25 32.13
CA LEU B 249 -22.20 7.11 30.91
C LEU B 249 -21.25 8.29 30.72
N GLN B 250 -21.72 9.51 31.01
CA GLN B 250 -20.82 10.67 31.00
C GLN B 250 -19.67 10.48 31.97
N GLN B 251 -19.97 10.03 33.19
CA GLN B 251 -18.92 9.74 34.16
C GLN B 251 -18.00 8.64 33.64
N GLY B 252 -18.57 7.62 32.99
CA GLY B 252 -17.76 6.52 32.49
C GLY B 252 -16.80 6.95 31.40
N ILE B 253 -17.22 7.88 30.54
CA ILE B 253 -16.32 8.44 29.53
C ILE B 253 -15.14 9.13 30.21
N ALA B 254 -15.39 9.89 31.29
CA ALA B 254 -14.29 10.52 32.00
C ALA B 254 -13.38 9.49 32.66
N LEU B 255 -13.95 8.47 33.30
CA LEU B 255 -13.13 7.44 33.93
C LEU B 255 -12.25 6.73 32.92
N ALA B 256 -12.71 6.57 31.68
CA ALA B 256 -11.92 5.85 30.66
C ALA B 256 -10.76 6.68 30.11
N GLN B 257 -10.77 8.00 30.30
CA GLN B 257 -9.65 8.86 29.92
C GLN B 257 -8.80 9.27 31.11
N SER B 258 -9.10 8.73 32.30
CA SER B 258 -8.21 8.92 33.42
C SER B 258 -6.89 8.17 33.18
N ARG B 259 -5.85 8.58 33.90
CA ARG B 259 -4.51 8.06 33.69
C ARG B 259 -4.18 7.08 34.82
N TYR B 260 -4.20 5.79 34.48
CA TYR B 260 -4.01 4.72 35.46
C TYR B 260 -2.63 4.09 35.38
N TRP B 261 -2.00 4.12 34.21
CA TRP B 261 -0.71 3.49 33.99
C TRP B 261 0.08 4.38 33.04
N ARG B 262 1.40 4.36 33.18
N ARG B 262 1.40 4.37 33.19
CA ARG B 262 2.29 5.13 32.33
CA ARG B 262 2.29 5.13 32.33
C ARG B 262 3.26 4.19 31.64
C ARG B 262 3.25 4.18 31.64
N VAL B 263 3.33 4.28 30.32
CA VAL B 263 4.24 3.49 29.51
C VAL B 263 5.08 4.49 28.72
N GLY B 264 6.23 4.87 29.27
CA GLY B 264 7.03 5.86 28.58
C GLY B 264 6.32 7.21 28.60
N ALA B 265 6.07 7.76 27.41
CA ALA B 265 5.36 9.03 27.30
C ALA B 265 3.85 8.85 27.13
N MET B 266 3.38 7.62 27.04
CA MET B 266 1.97 7.34 26.87
C MET B 266 1.34 6.99 28.21
N TYR B 267 0.07 7.34 28.36
CA TYR B 267 -0.70 6.97 29.55
C TYR B 267 -1.87 6.10 29.13
N GLN B 268 -2.14 5.05 29.90
CA GLN B 268 -3.28 4.18 29.62
C GLN B 268 -4.46 4.57 30.50
N GLY B 269 -5.61 4.75 29.87
CA GLY B 269 -6.88 4.83 30.59
C GLY B 269 -7.56 3.47 30.56
N LEU B 270 -8.83 3.43 30.19
CA LEU B 270 -9.53 2.18 29.96
C LEU B 270 -9.77 2.10 28.46
N GLY B 271 -8.92 1.36 27.77
CA GLY B 271 -8.99 1.31 26.31
C GLY B 271 -8.27 2.47 25.66
N TRP B 272 -8.67 3.71 25.97
CA TRP B 272 -8.00 4.87 25.40
C TRP B 272 -6.54 4.93 25.83
N GLU B 273 -5.72 5.52 24.95
CA GLU B 273 -4.32 5.84 25.24
C GLU B 273 -4.16 7.34 25.06
N MET B 274 -3.25 7.93 25.85
CA MET B 274 -3.14 9.38 25.87
C MET B 274 -1.67 9.79 25.89
N LEU B 275 -1.37 10.82 25.12
CA LEU B 275 -0.10 11.53 25.20
C LEU B 275 -0.40 12.96 25.62
N ASN B 276 0.51 13.57 26.37
CA ASN B 276 0.34 15.00 26.65
C ASN B 276 0.39 15.81 25.37
N TRP B 277 -0.48 16.82 25.31
CA TRP B 277 -0.48 17.76 24.19
C TRP B 277 0.15 19.07 24.64
N PRO B 278 1.05 19.68 23.83
CA PRO B 278 1.47 19.26 22.49
C PRO B 278 2.38 18.02 22.47
N VAL B 279 2.24 17.18 21.45
CA VAL B 279 3.08 16.00 21.32
C VAL B 279 4.40 16.39 20.71
N ASP B 280 5.45 15.62 21.03
CA ASP B 280 6.77 15.83 20.47
C ASP B 280 6.80 15.26 19.05
N VAL B 281 7.01 16.13 18.07
CA VAL B 281 6.99 15.74 16.66
C VAL B 281 8.38 15.27 16.25
N ALA B 298 4.64 1.69 34.59
CA ALA B 298 4.47 2.05 35.98
C ALA B 298 3.04 2.48 36.27
N GLU B 299 2.50 2.02 37.39
CA GLU B 299 1.17 2.44 37.83
C GLU B 299 1.19 3.93 38.20
N VAL B 300 0.16 4.65 37.74
CA VAL B 300 -0.07 6.02 38.20
C VAL B 300 -0.80 5.91 39.52
N ASN B 301 -0.09 6.10 40.63
CA ASN B 301 -0.61 5.81 41.96
C ASN B 301 -0.26 6.95 42.89
N PRO B 302 -1.23 7.80 43.26
CA PRO B 302 -2.65 7.68 42.89
C PRO B 302 -2.91 8.05 41.42
N PRO B 303 -4.03 7.61 40.86
CA PRO B 303 -4.29 7.89 39.44
C PRO B 303 -4.60 9.36 39.23
N ALA B 304 -4.60 9.75 37.96
CA ALA B 304 -4.90 11.13 37.61
C ALA B 304 -6.17 11.20 36.78
N PRO B 305 -7.00 12.23 36.96
CA PRO B 305 -8.19 12.39 36.13
C PRO B 305 -7.82 12.79 34.70
N PRO B 306 -8.80 12.85 33.80
CA PRO B 306 -8.49 13.20 32.41
C PRO B 306 -7.75 14.52 32.31
N VAL B 307 -6.75 14.54 31.44
CA VAL B 307 -6.01 15.75 31.11
C VAL B 307 -6.58 16.27 29.79
N LYS B 308 -7.17 17.48 29.81
N LYS B 308 -7.14 17.49 29.83
CA LYS B 308 -7.77 17.99 28.59
CA LYS B 308 -7.76 18.04 28.62
C LYS B 308 -6.72 18.29 27.54
C LYS B 308 -6.71 18.28 27.54
N ALA B 309 -5.51 18.68 27.94
CA ALA B 309 -4.40 18.86 27.00
C ALA B 309 -3.74 17.51 26.72
N SER B 310 -4.48 16.66 26.02
CA SER B 310 -4.01 15.35 25.62
C SER B 310 -4.28 15.13 24.15
N TRP B 311 -3.39 14.38 23.51
CA TRP B 311 -3.70 13.66 22.29
C TRP B 311 -4.23 12.30 22.72
N VAL B 312 -5.56 12.12 22.61
CA VAL B 312 -6.21 10.87 22.99
C VAL B 312 -6.41 10.04 21.72
N HIS B 313 -6.02 8.76 21.75
CA HIS B 313 -6.11 8.03 20.48
C HIS B 313 -6.17 6.53 20.71
N LYS B 314 -6.49 5.82 19.62
CA LYS B 314 -6.43 4.36 19.61
C LYS B 314 -6.27 3.91 18.17
N THR B 315 -5.38 2.96 17.97
CA THR B 315 -5.23 2.29 16.68
C THR B 315 -5.80 0.88 16.80
N GLY B 316 -6.38 0.40 15.70
CA GLY B 316 -6.87 -0.97 15.69
C GLY B 316 -6.66 -1.63 14.35
N SER B 317 -6.35 -2.92 14.36
CA SER B 317 -6.11 -3.65 13.14
C SER B 317 -6.76 -5.02 13.23
N THR B 318 -7.33 -5.45 12.12
CA THR B 318 -7.67 -6.84 11.88
C THR B 318 -6.83 -7.30 10.69
N GLY B 319 -7.05 -8.55 10.29
CA GLY B 319 -6.35 -9.04 9.10
C GLY B 319 -6.46 -8.11 7.92
N GLY B 320 -7.66 -7.59 7.66
CA GLY B 320 -7.89 -6.79 6.48
C GLY B 320 -8.25 -5.33 6.69
N PHE B 321 -8.22 -4.82 7.93
CA PHE B 321 -8.67 -3.46 8.18
C PHE B 321 -7.70 -2.72 9.09
N GLY B 322 -7.61 -1.42 8.88
CA GLY B 322 -6.85 -0.54 9.75
C GLY B 322 -7.64 0.69 10.12
N SER B 323 -7.92 0.86 11.42
N SER B 323 -7.91 0.85 11.41
CA SER B 323 -8.74 1.95 11.93
CA SER B 323 -8.69 1.96 11.93
C SER B 323 -7.93 2.79 12.91
C SER B 323 -7.82 2.84 12.81
N TYR B 324 -8.24 4.09 12.95
CA TYR B 324 -7.52 5.02 13.82
C TYR B 324 -8.46 6.13 14.24
N VAL B 325 -8.43 6.49 15.53
CA VAL B 325 -9.20 7.62 16.05
C VAL B 325 -8.29 8.44 16.93
N ALA B 326 -8.43 9.77 16.86
CA ALA B 326 -7.63 10.63 17.72
C ALA B 326 -8.36 11.93 17.93
N PHE B 327 -8.22 12.51 19.12
CA PHE B 327 -8.83 13.81 19.37
C PHE B 327 -8.07 14.54 20.46
N ILE B 328 -8.22 15.86 20.48
CA ILE B 328 -7.56 16.73 21.45
C ILE B 328 -8.64 17.54 22.16
N PRO B 329 -9.00 17.16 23.39
CA PRO B 329 -10.13 17.84 24.05
C PRO B 329 -9.90 19.34 24.23
N GLU B 330 -8.68 19.75 24.59
CA GLU B 330 -8.40 21.18 24.78
C GLU B 330 -8.73 21.98 23.52
N LYS B 331 -8.49 21.40 22.34
CA LYS B 331 -8.67 22.08 21.06
C LYS B 331 -10.01 21.79 20.40
N GLN B 332 -10.80 20.87 20.97
CA GLN B 332 -12.11 20.50 20.42
C GLN B 332 -12.02 20.12 18.94
N ILE B 333 -11.02 19.29 18.61
CA ILE B 333 -10.88 18.73 17.27
C ILE B 333 -10.61 17.23 17.38
N GLY B 334 -11.02 16.49 16.35
CA GLY B 334 -10.84 15.06 16.34
C GLY B 334 -10.92 14.51 14.93
N ILE B 335 -10.53 13.25 14.79
CA ILE B 335 -10.50 12.60 13.48
C ILE B 335 -10.78 11.11 13.62
N VAL B 336 -11.50 10.56 12.63
CA VAL B 336 -11.72 9.13 12.46
C VAL B 336 -11.16 8.76 11.09
N MET B 337 -10.34 7.71 11.03
CA MET B 337 -9.86 7.17 9.76
C MET B 337 -10.14 5.67 9.73
N LEU B 338 -11.02 5.25 8.82
CA LEU B 338 -11.36 3.84 8.66
C LEU B 338 -10.89 3.37 7.29
N ALA B 339 -10.12 2.28 7.25
CA ALA B 339 -9.56 1.77 6.01
C ALA B 339 -9.74 0.27 5.94
N ASN B 340 -9.94 -0.25 4.72
CA ASN B 340 -10.03 -1.70 4.54
C ASN B 340 -8.72 -2.29 4.01
N LYS B 341 -7.61 -1.82 4.57
CA LYS B 341 -6.31 -2.47 4.51
C LYS B 341 -5.58 -2.06 5.79
N SER B 342 -4.87 -3.00 6.41
CA SER B 342 -4.10 -2.71 7.61
C SER B 342 -2.73 -2.16 7.19
N TYR B 343 -2.51 -0.86 7.43
CA TYR B 343 -1.27 -0.22 7.00
C TYR B 343 -0.52 0.28 8.23
N PRO B 344 0.75 0.69 8.12
CA PRO B 344 1.58 0.87 9.31
C PRO B 344 1.04 1.90 10.30
N ASN B 345 1.13 1.56 11.58
CA ASN B 345 0.60 2.45 12.62
C ASN B 345 1.23 3.83 12.62
N PRO B 346 2.55 4.01 12.49
CA PRO B 346 3.10 5.37 12.47
C PRO B 346 2.56 6.23 11.35
N VAL B 347 2.21 5.61 10.20
CA VAL B 347 1.64 6.36 9.10
C VAL B 347 0.22 6.83 9.43
N ARG B 348 -0.52 6.05 10.22
CA ARG B 348 -1.83 6.51 10.68
C ARG B 348 -1.69 7.78 11.52
N VAL B 349 -0.74 7.77 12.47
CA VAL B 349 -0.55 8.92 13.34
C VAL B 349 -0.09 10.12 12.54
N GLU B 350 0.88 9.92 11.64
CA GLU B 350 1.37 11.01 10.79
C GLU B 350 0.23 11.62 9.97
N THR B 351 -0.64 10.77 9.41
CA THR B 351 -1.76 11.26 8.61
C THR B 351 -2.73 12.07 9.46
N ALA B 352 -3.10 11.53 10.63
CA ALA B 352 -4.01 12.24 11.54
C ALA B 352 -3.41 13.58 11.96
N TYR B 353 -2.12 13.59 12.29
CA TYR B 353 -1.48 14.83 12.73
C TYR B 353 -1.48 15.87 11.62
N ARG B 354 -1.19 15.43 10.38
CA ARG B 354 -1.14 16.37 9.25
C ARG B 354 -2.49 17.05 9.06
N ILE B 355 -3.58 16.33 9.28
CA ILE B 355 -4.90 16.94 9.09
C ILE B 355 -5.28 17.79 10.30
N LEU B 356 -5.07 17.27 11.52
CA LEU B 356 -5.49 18.00 12.70
C LEU B 356 -4.68 19.28 12.91
N GLU B 357 -3.43 19.33 12.41
CA GLU B 357 -2.60 20.53 12.61
C GLU B 357 -3.13 21.74 11.84
N THR B 358 -4.02 21.55 10.88
CA THR B 358 -4.58 22.66 10.14
C THR B 358 -5.80 23.26 10.82
N LEU B 359 -6.24 22.69 11.93
CA LEU B 359 -7.45 23.08 12.63
C LEU B 359 -7.19 23.72 13.99
N GLN B 360 -5.94 24.07 14.28
CA GLN B 360 -5.62 24.67 15.58
C GLN B 360 -4.41 25.59 15.46
OAC NXL C . 3.68 1.76 -16.24
CAN NXL C . 4.32 2.73 -16.12
N NXL C . 3.60 3.96 -15.97
CAJ NXL C . 4.17 5.32 -15.70
CA NXL C . 2.07 4.03 -15.92
C NXL C . 1.48 4.92 -16.99
O NXL C . 2.12 5.36 -17.89
NAA NXL C . 0.05 5.23 -16.90
CB NXL C . 1.61 4.51 -14.55
CAH NXL C . 2.43 5.59 -13.93
CAO NXL C . 3.89 5.53 -14.22
NAK NXL C . 4.48 4.31 -13.58
OAL NXL C . 4.51 4.36 -12.18
SAR NXL C . 4.54 2.77 -11.68
OAD NXL C . 4.68 2.75 -10.17
OAE NXL C . 3.31 2.01 -12.16
OAG NXL C . 5.62 1.98 -12.36
S SO4 D . -3.90 3.58 -21.78
O1 SO4 D . -3.97 2.13 -21.73
O2 SO4 D . -3.82 4.05 -23.17
O3 SO4 D . -5.08 4.15 -21.13
O4 SO4 D . -2.70 4.03 -21.06
S SO4 E . -3.72 14.81 -21.33
O1 SO4 E . -5.10 14.71 -20.86
O2 SO4 E . -3.72 14.90 -22.79
O3 SO4 E . -2.96 13.64 -20.91
O4 SO4 E . -3.11 16.01 -20.78
S SO4 F . 10.86 -19.33 -30.23
O1 SO4 F . 11.61 -20.57 -30.44
O2 SO4 F . 11.18 -18.40 -31.31
O3 SO4 F . 9.42 -19.62 -30.25
O4 SO4 F . 11.23 -18.74 -28.95
S SO4 G . -2.19 -19.84 -27.85
O1 SO4 G . -3.47 -20.53 -27.67
O2 SO4 G . -1.94 -19.66 -29.27
O3 SO4 G . -1.12 -20.66 -27.28
O4 SO4 G . -2.25 -18.55 -27.19
S SO4 H . 6.54 14.61 -37.62
O1 SO4 H . 7.71 14.31 -38.43
O2 SO4 H . 5.33 14.37 -38.40
O3 SO4 H . 6.53 13.76 -36.44
O4 SO4 H . 6.57 16.01 -37.21
S SO4 I . 2.10 -6.40 -39.84
O1 SO4 I . 1.98 -7.84 -39.82
O2 SO4 I . 1.76 -5.89 -41.17
O3 SO4 I . 1.20 -5.81 -38.86
O4 SO4 I . 3.47 -6.01 -39.53
S SO4 J . 24.40 9.49 0.83
O1 SO4 J . 23.84 8.38 0.06
O2 SO4 J . 25.10 10.39 -0.07
O3 SO4 J . 23.34 10.21 1.51
O4 SO4 J . 25.34 8.95 1.81
C1 DIO K . 12.42 14.92 -32.01
C2 DIO K . 12.73 13.42 -30.24
C1' DIO K . 13.87 14.72 -32.44
C2' DIO K . 14.18 13.22 -30.67
O1 DIO K . 11.92 13.81 -31.32
O1' DIO K . 14.67 14.34 -31.35
C1 DIO L . 25.58 -4.54 -35.21
C2 DIO L . 25.52 -6.05 -33.42
C1' DIO L . 26.90 -3.96 -34.70
C2' DIO L . 26.99 -5.75 -33.12
O1 DIO L . 24.83 -5.10 -34.19
O1' DIO L . 27.68 -4.88 -34.00
OAC NXL M . -6.00 -3.98 16.90
CAN NXL M . -5.82 -4.27 18.03
N NXL M . -4.64 -5.00 18.44
CAJ NXL M . -4.33 -5.40 19.86
CA NXL M . -3.55 -5.46 17.47
C NXL M . -4.03 -6.71 16.77
O NXL M . -3.44 -7.12 15.83
NAA NXL M . -5.24 -7.40 17.22
CB NXL M . -2.23 -5.73 18.20
CAH NXL M . -1.98 -4.77 19.31
CAO NXL M . -3.03 -4.76 20.37
NAK NXL M . -3.26 -3.33 20.80
OAL NXL M . -4.45 -3.11 21.53
SAR NXL M . -4.07 -2.78 23.11
OAD NXL M . -4.96 -1.74 23.74
OAE NXL M . -2.70 -2.14 23.24
OAG NXL M . -4.15 -4.06 23.91
S SO4 N . -25.22 3.06 0.78
O1 SO4 N . -25.68 1.72 0.47
O2 SO4 N . -25.46 3.95 -0.36
O3 SO4 N . -25.97 3.56 1.92
O4 SO4 N . -23.80 3.04 1.10
S SO4 O . -1.45 -22.93 42.45
O1 SO4 O . -2.39 -23.57 41.53
O2 SO4 O . -0.79 -21.82 41.77
O3 SO4 O . -2.18 -22.44 43.62
O4 SO4 O . -0.45 -23.91 42.88
S SO4 P . -8.17 -11.83 11.57
O1 SO4 P . -7.23 -12.51 10.67
O2 SO4 P . -8.74 -10.68 10.88
O3 SO4 P . -9.23 -12.76 11.94
O4 SO4 P . -7.47 -11.38 12.77
S SO4 Q . -12.55 8.00 -4.94
O1 SO4 Q . -12.54 7.15 -6.13
O2 SO4 Q . -12.81 9.38 -5.34
O3 SO4 Q . -13.59 7.55 -4.03
O4 SO4 Q . -11.24 7.92 -4.29
C1 DIO R . -25.65 12.88 37.90
C2 DIO R . -26.59 10.95 38.77
C1' DIO R . -24.62 12.05 37.14
C2' DIO R . -25.55 10.12 38.02
O1 DIO R . -26.84 12.16 38.11
O1' DIO R . -24.38 10.83 37.75
C1 DIO S . -29.13 6.83 11.09
C2 DIO S . -28.19 7.92 12.93
C1' DIO S . -30.37 6.52 11.93
C2' DIO S . -29.45 7.65 13.74
O1 DIO S . -28.43 7.95 11.55
O1' DIO S . -30.10 6.49 13.30
#